data_4MW4
#
_entry.id   4MW4
#
_cell.length_a   87.829
_cell.length_b   106.063
_cell.length_c   207.642
_cell.angle_alpha   90.000
_cell.angle_beta   90.000
_cell.angle_gamma   90.000
#
_symmetry.space_group_name_H-M   'P 21 21 21'
#
loop_
_entity.id
_entity.type
_entity.pdbx_description
1 polymer 'Methionyl-tRNA synthetase'
2 non-polymer GLYCEROL
3 non-polymer 'DIMETHYL SULFOXIDE'
4 non-polymer 'SULFATE ION'
5 non-polymer METHIONINE
6 non-polymer 1-{3-[(5-chloro-2-hydroxy-3-iodobenzyl)amino]propyl}-3-thiophen-3-ylurea
7 water water
#
_entity_poly.entity_id   1
_entity_poly.type   'polypeptide(L)'
_entity_poly.pdbx_seq_one_letter_code
;GPGSMKVEKVFFVTSPIYYVNAAPHIGHVYSTLITDVIGRYHRVKGERVFALTGTDEHGQKVAEAAKQKQVSPYDFTTAV
AGEFKKCFEQMDYSIDYFIRTTNEQHKAVVKELWTKLEQKGDIYLGRYEGWYSISDESFLTPQNITDGVDKDGNPCKVSL
ESGHVVTWVSEENYMFRLSAFRERLLEWYHANPGCIVPEFRRREVIRAVEKGLPDLSVSRARATLHNWAIPVPGNPDH
(CAS)VYVWLDALTNYLTGSRLRVDESGKEVSLVDDFNELERFPADVHVIGKDILKFHAIYWPAFLLSAGLPLPKKIVAH
GWWTKDRKKISKSLGNVFDPVEKAEEFGYDALKYFLLRESGFSDDGDYSDKNMIARLNGELADTLGNLVMRCTSAKINVN
GEWPSPAAYTEEDESLIQLIKDLPGTADHYYLIPDIQKAIIAVFDVLRAINAYVTDMAPWKLVKTDPERLRTVLYITLEG
VRVTTLLLSPILPRKSVVIFDMLGVPEVHRKGIENFEFGAVPPGTRLGPAVEGEVLFSKRSTENTKST
;
_entity_poly.pdbx_strand_id   A,B
#
loop_
_chem_comp.id
_chem_comp.type
_chem_comp.name
_chem_comp.formula
2EB non-polymer 1-{3-[(5-chloro-2-hydroxy-3-iodobenzyl)amino]propyl}-3-thiophen-3-ylurea 'C15 H17 Cl I N3 O2 S'
DMS non-polymer 'DIMETHYL SULFOXIDE' 'C2 H6 O S'
GOL non-polymer GLYCEROL 'C3 H8 O3'
SO4 non-polymer 'SULFATE ION' 'O4 S -2'
#
# COMPACT_ATOMS: atom_id res chain seq x y z
N VAL A 7 -28.43 -12.93 -8.87
CA VAL A 7 -28.64 -14.38 -9.20
C VAL A 7 -27.65 -15.28 -8.44
N GLU A 8 -28.17 -15.99 -7.44
CA GLU A 8 -27.40 -16.98 -6.68
C GLU A 8 -27.36 -18.29 -7.44
N LYS A 9 -26.20 -18.59 -8.01
CA LYS A 9 -25.97 -19.84 -8.69
C LYS A 9 -24.75 -20.48 -8.04
N VAL A 10 -24.33 -21.63 -8.53
CA VAL A 10 -23.08 -22.25 -8.10
C VAL A 10 -21.97 -21.53 -8.84
N PHE A 11 -20.94 -21.09 -8.12
CA PHE A 11 -19.83 -20.44 -8.77
C PHE A 11 -19.04 -21.50 -9.53
N PHE A 12 -18.96 -21.34 -10.85
CA PHE A 12 -18.42 -22.36 -11.73
C PHE A 12 -17.12 -21.85 -12.33
N VAL A 13 -16.04 -22.56 -12.03
CA VAL A 13 -14.69 -22.18 -12.47
C VAL A 13 -14.00 -23.40 -13.07
N THR A 14 -13.30 -23.20 -14.19
CA THR A 14 -12.71 -24.29 -14.97
C THR A 14 -11.26 -24.06 -15.30
N SER A 15 -10.57 -25.15 -15.58
CA SER A 15 -9.27 -25.13 -16.19
C SER A 15 -9.48 -25.60 -17.61
N PRO A 16 -8.45 -25.48 -18.46
CA PRO A 16 -8.57 -26.17 -19.73
C PRO A 16 -8.47 -27.68 -19.48
N ILE A 17 -8.94 -28.48 -20.43
CA ILE A 17 -8.70 -29.93 -20.39
C ILE A 17 -7.49 -30.23 -21.28
N TYR A 18 -6.52 -30.96 -20.74
CA TYR A 18 -5.19 -31.06 -21.35
C TYR A 18 -5.01 -32.27 -22.27
N TYR A 19 -4.33 -32.08 -23.39
CA TYR A 19 -3.99 -33.20 -24.26
C TYR A 19 -3.14 -34.20 -23.49
N VAL A 20 -3.47 -35.48 -23.68
CA VAL A 20 -2.77 -36.58 -23.02
C VAL A 20 -1.74 -37.26 -23.95
N ASN A 21 -1.19 -36.48 -24.87
CA ASN A 21 -0.12 -36.93 -25.76
C ASN A 21 1.20 -37.14 -25.02
N ALA A 22 1.30 -36.60 -23.82
CA ALA A 22 2.53 -36.61 -23.03
C ALA A 22 2.23 -36.46 -21.53
N ALA A 23 3.20 -36.81 -20.70
CA ALA A 23 3.02 -36.79 -19.25
C ALA A 23 2.76 -35.38 -18.78
N PRO A 24 2.09 -35.21 -17.63
CA PRO A 24 1.84 -33.88 -17.11
C PRO A 24 3.14 -33.21 -16.67
N HIS A 25 3.17 -31.89 -16.78
CA HIS A 25 4.32 -31.09 -16.42
C HIS A 25 3.82 -29.79 -15.75
N ILE A 26 4.70 -28.82 -15.58
CA ILE A 26 4.41 -27.63 -14.80
C ILE A 26 3.29 -26.73 -15.39
N GLY A 27 3.21 -26.61 -16.70
CA GLY A 27 2.16 -25.82 -17.32
C GLY A 27 0.75 -26.23 -16.94
N HIS A 28 0.52 -27.54 -16.87
CA HIS A 28 -0.80 -28.06 -16.52
C HIS A 28 -1.08 -27.78 -15.05
N VAL A 29 -0.05 -28.02 -14.23
CA VAL A 29 -0.12 -27.78 -12.81
C VAL A 29 -0.44 -26.30 -12.53
N TYR A 30 0.21 -25.40 -13.28
CA TYR A 30 0.00 -23.97 -13.12
C TYR A 30 -1.43 -23.57 -13.44
N SER A 31 -1.91 -24.03 -14.60
CA SER A 31 -3.26 -23.68 -15.07
C SER A 31 -4.30 -24.15 -14.05
N THR A 32 -4.14 -25.38 -13.57
CA THR A 32 -5.11 -25.97 -12.66
C THR A 32 -5.03 -25.34 -11.26
N LEU A 33 -3.81 -24.97 -10.84
CA LEU A 33 -3.60 -24.22 -9.62
C LEU A 33 -4.44 -22.94 -9.57
N ILE A 34 -4.34 -22.12 -10.61
CA ILE A 34 -5.15 -20.92 -10.72
C ILE A 34 -6.65 -21.23 -10.60
N THR A 35 -7.10 -22.25 -11.31
CA THR A 35 -8.48 -22.72 -11.14
C THR A 35 -8.78 -23.06 -9.67
N ASP A 36 -7.91 -23.84 -9.06
CA ASP A 36 -8.08 -24.25 -7.67
C ASP A 36 -8.12 -23.10 -6.68
N VAL A 37 -7.24 -22.13 -6.88
CA VAL A 37 -7.15 -20.97 -6.00
C VAL A 37 -8.41 -20.11 -6.06
N ILE A 38 -8.88 -19.84 -7.28
CA ILE A 38 -10.10 -19.07 -7.43
C ILE A 38 -11.23 -19.83 -6.72
N GLY A 39 -11.32 -21.13 -6.94
CA GLY A 39 -12.37 -21.93 -6.34
C GLY A 39 -12.33 -21.85 -4.84
N ARG A 40 -11.11 -21.95 -4.30
CA ARG A 40 -10.89 -21.95 -2.86
C ARG A 40 -11.30 -20.63 -2.25
N TYR A 41 -10.98 -19.52 -2.92
CA TYR A 41 -11.39 -18.21 -2.43
C TYR A 41 -12.92 -18.08 -2.36
N HIS A 42 -13.64 -18.57 -3.34
CA HIS A 42 -15.09 -18.45 -3.31
C HIS A 42 -15.73 -19.37 -2.24
N ARG A 43 -15.06 -20.49 -1.95
CA ARG A 43 -15.49 -21.33 -0.86
C ARG A 43 -15.26 -20.65 0.47
N VAL A 44 -14.15 -19.92 0.62
CA VAL A 44 -13.92 -19.26 1.93
C VAL A 44 -14.88 -18.11 2.14
N LYS A 45 -15.38 -17.51 1.06
CA LYS A 45 -16.48 -16.55 1.16
C LYS A 45 -17.83 -17.23 1.48
N GLY A 46 -17.86 -18.56 1.57
CA GLY A 46 -19.09 -19.29 1.86
C GLY A 46 -20.01 -19.48 0.65
N GLU A 47 -19.47 -19.36 -0.56
CA GLU A 47 -20.25 -19.62 -1.77
C GLU A 47 -20.25 -21.10 -2.15
N ARG A 48 -21.25 -21.50 -2.91
CA ARG A 48 -21.24 -22.82 -3.55
C ARG A 48 -20.26 -22.77 -4.71
N VAL A 49 -19.41 -23.79 -4.82
CA VAL A 49 -18.39 -23.82 -5.87
C VAL A 49 -18.33 -25.19 -6.55
N PHE A 50 -18.18 -25.17 -7.87
CA PHE A 50 -17.86 -26.37 -8.63
C PHE A 50 -16.66 -26.06 -9.48
N ALA A 51 -15.52 -26.66 -9.16
CA ALA A 51 -14.31 -26.44 -9.95
C ALA A 51 -14.05 -27.67 -10.80
N LEU A 52 -13.64 -27.44 -12.04
CA LEU A 52 -13.56 -28.48 -13.04
C LEU A 52 -12.17 -28.50 -13.66
N THR A 53 -11.66 -29.70 -13.92
CA THR A 53 -10.45 -29.87 -14.70
C THR A 53 -10.55 -31.20 -15.44
N GLY A 54 -9.54 -31.53 -16.23
CA GLY A 54 -9.55 -32.81 -16.93
C GLY A 54 -8.60 -32.95 -18.11
N THR A 55 -8.93 -33.91 -18.97
CA THR A 55 -8.07 -34.28 -20.07
C THR A 55 -8.85 -34.31 -21.37
N ASP A 56 -8.15 -33.90 -22.44
CA ASP A 56 -8.66 -33.79 -23.80
C ASP A 56 -8.07 -34.98 -24.55
N GLU A 57 -8.91 -35.96 -24.91
CA GLU A 57 -8.37 -37.28 -25.23
C GLU A 57 -8.47 -37.75 -26.68
N HIS A 58 -9.36 -37.15 -27.46
CA HIS A 58 -9.50 -37.50 -28.87
C HIS A 58 -8.55 -36.70 -29.72
N GLY A 59 -8.58 -36.99 -31.01
CA GLY A 59 -7.87 -36.19 -32.00
C GLY A 59 -6.69 -36.89 -32.62
N GLN A 60 -6.15 -36.24 -33.65
CA GLN A 60 -5.02 -36.74 -34.41
C GLN A 60 -3.74 -36.64 -33.60
N LYS A 61 -3.55 -35.51 -32.92
CA LYS A 61 -2.41 -35.31 -32.05
C LYS A 61 -2.25 -36.51 -31.11
N VAL A 62 -3.30 -36.81 -30.36
CA VAL A 62 -3.24 -37.84 -29.31
C VAL A 62 -3.14 -39.25 -29.89
N ALA A 63 -3.88 -39.53 -30.95
CA ALA A 63 -3.82 -40.85 -31.61
C ALA A 63 -2.44 -41.12 -32.19
N GLU A 64 -1.81 -40.10 -32.75
CA GLU A 64 -0.48 -40.27 -33.33
C GLU A 64 0.60 -40.46 -32.28
N ALA A 65 0.41 -39.85 -31.12
CA ALA A 65 1.34 -40.05 -30.01
C ALA A 65 1.28 -41.49 -29.45
N ALA A 66 0.09 -42.09 -29.50
CA ALA A 66 -0.09 -43.46 -29.02
C ALA A 66 0.43 -44.45 -30.05
N LYS A 67 0.26 -44.09 -31.31
CA LYS A 67 0.80 -44.86 -32.41
C LYS A 67 2.32 -44.93 -32.28
N GLN A 68 2.94 -43.78 -32.04
CA GLN A 68 4.40 -43.71 -31.92
C GLN A 68 4.93 -44.41 -30.68
N LYS A 69 4.06 -44.64 -29.69
CA LYS A 69 4.42 -45.48 -28.54
C LYS A 69 4.01 -46.94 -28.76
N GLN A 70 3.51 -47.26 -29.96
CA GLN A 70 3.09 -48.61 -30.31
C GLN A 70 2.12 -49.22 -29.29
N VAL A 71 1.02 -48.51 -29.07
CA VAL A 71 -0.04 -48.98 -28.16
C VAL A 71 -1.38 -48.35 -28.58
N SER A 72 -2.48 -49.02 -28.26
CA SER A 72 -3.81 -48.56 -28.69
C SER A 72 -4.22 -47.26 -28.00
N PRO A 73 -4.93 -46.37 -28.72
CA PRO A 73 -5.39 -45.11 -28.13
C PRO A 73 -6.11 -45.30 -26.79
N TYR A 74 -6.98 -46.30 -26.70
CA TYR A 74 -7.73 -46.57 -25.48
C TYR A 74 -6.77 -46.79 -24.30
N ASP A 75 -5.79 -47.66 -24.47
CA ASP A 75 -4.84 -47.98 -23.40
C ASP A 75 -3.93 -46.79 -23.08
N PHE A 76 -3.47 -46.11 -24.12
CA PHE A 76 -2.61 -44.96 -23.97
C PHE A 76 -3.28 -43.83 -23.18
N THR A 77 -4.47 -43.42 -23.65
CA THR A 77 -5.20 -42.31 -23.04
C THR A 77 -5.55 -42.60 -21.58
N THR A 78 -6.04 -43.82 -21.31
CA THR A 78 -6.30 -44.22 -19.93
C THR A 78 -5.05 -44.12 -19.04
N ALA A 79 -3.92 -44.57 -19.57
CA ALA A 79 -2.66 -44.52 -18.83
C ALA A 79 -2.26 -43.09 -18.50
N VAL A 80 -2.27 -42.23 -19.52
CA VAL A 80 -1.81 -40.85 -19.35
C VAL A 80 -2.78 -40.07 -18.48
N ALA A 81 -4.07 -40.33 -18.64
CA ALA A 81 -5.09 -39.73 -17.79
C ALA A 81 -4.85 -40.06 -16.34
N GLY A 82 -4.49 -41.31 -16.08
CA GLY A 82 -4.12 -41.75 -14.74
C GLY A 82 -2.99 -40.94 -14.16
N GLU A 83 -1.99 -40.62 -15.00
CA GLU A 83 -0.85 -39.82 -14.57
C GLU A 83 -1.25 -38.40 -14.22
N PHE A 84 -2.13 -37.80 -15.02
CA PHE A 84 -2.65 -36.47 -14.71
C PHE A 84 -3.35 -36.48 -13.35
N LYS A 85 -4.11 -37.53 -13.08
CA LYS A 85 -4.87 -37.62 -11.82
C LYS A 85 -3.96 -37.77 -10.61
N LYS A 86 -3.01 -38.69 -10.72
CA LYS A 86 -2.01 -38.88 -9.68
C LYS A 86 -1.29 -37.56 -9.37
N CYS A 87 -0.86 -36.88 -10.43
CA CYS A 87 -0.20 -35.59 -10.31
C CYS A 87 -1.07 -34.57 -9.56
N PHE A 88 -2.31 -34.39 -10.00
CA PHE A 88 -3.20 -33.41 -9.40
C PHE A 88 -3.61 -33.79 -7.97
N GLU A 89 -3.68 -35.08 -7.67
CA GLU A 89 -3.93 -35.52 -6.31
C GLU A 89 -2.73 -35.17 -5.45
N GLN A 90 -1.56 -35.48 -5.97
CA GLN A 90 -0.31 -35.19 -5.27
C GLN A 90 -0.10 -33.67 -5.04
N MET A 91 -0.69 -32.84 -5.90
CA MET A 91 -0.58 -31.39 -5.76
C MET A 91 -1.55 -30.82 -4.74
N ASP A 92 -2.41 -31.66 -4.17
CA ASP A 92 -3.24 -31.25 -3.03
C ASP A 92 -4.14 -30.07 -3.42
N TYR A 93 -4.82 -30.21 -4.57
CA TYR A 93 -5.87 -29.28 -4.99
C TYR A 93 -7.20 -29.66 -4.37
N SER A 94 -8.21 -28.83 -4.57
CA SER A 94 -9.56 -29.15 -4.16
C SER A 94 -10.49 -28.96 -5.36
N ILE A 95 -10.31 -29.83 -6.36
CA ILE A 95 -11.11 -29.81 -7.57
C ILE A 95 -12.33 -30.71 -7.39
N ASP A 96 -13.49 -30.26 -7.81
CA ASP A 96 -14.69 -31.03 -7.59
C ASP A 96 -14.86 -32.18 -8.58
N TYR A 97 -14.26 -32.07 -9.76
CA TYR A 97 -14.40 -33.14 -10.74
C TYR A 97 -13.32 -33.12 -11.82
N PHE A 98 -12.98 -34.31 -12.29
CA PHE A 98 -11.96 -34.52 -13.30
C PHE A 98 -12.66 -35.21 -14.50
N ILE A 99 -12.89 -34.45 -15.58
CA ILE A 99 -13.60 -34.95 -16.75
C ILE A 99 -12.64 -35.43 -17.85
N ARG A 100 -13.06 -36.46 -18.55
CA ARG A 100 -12.32 -37.04 -19.65
C ARG A 100 -13.23 -37.07 -20.86
N THR A 101 -12.75 -36.62 -22.01
CA THR A 101 -13.63 -36.53 -23.18
C THR A 101 -14.03 -37.88 -23.75
N THR A 102 -13.37 -38.95 -23.32
CA THR A 102 -13.79 -40.31 -23.67
C THR A 102 -15.02 -40.78 -22.89
N ASN A 103 -15.35 -40.07 -21.83
CA ASN A 103 -16.52 -40.37 -21.02
C ASN A 103 -17.74 -40.41 -21.91
N GLU A 104 -18.55 -41.45 -21.73
CA GLU A 104 -19.68 -41.71 -22.59
C GLU A 104 -20.77 -40.63 -22.45
N GLN A 105 -20.88 -40.01 -21.26
CA GLN A 105 -21.88 -38.94 -21.04
C GLN A 105 -21.49 -37.65 -21.74
N HIS A 106 -20.19 -37.35 -21.72
CA HIS A 106 -19.66 -36.24 -22.52
C HIS A 106 -19.96 -36.38 -24.02
N LYS A 107 -19.82 -37.58 -24.56
CA LYS A 107 -20.10 -37.80 -25.97
C LYS A 107 -21.52 -37.45 -26.32
N ALA A 108 -22.45 -37.87 -25.47
CA ALA A 108 -23.86 -37.58 -25.66
C ALA A 108 -24.10 -36.07 -25.70
N VAL A 109 -23.38 -35.34 -24.85
CA VAL A 109 -23.51 -33.88 -24.80
C VAL A 109 -22.99 -33.26 -26.10
N VAL A 110 -21.85 -33.74 -26.59
CA VAL A 110 -21.31 -33.27 -27.85
C VAL A 110 -22.34 -33.42 -28.97
N LYS A 111 -22.98 -34.58 -29.05
CA LYS A 111 -23.97 -34.83 -30.08
C LYS A 111 -25.23 -33.96 -29.93
N GLU A 112 -25.67 -33.74 -28.70
CA GLU A 112 -26.78 -32.81 -28.46
C GLU A 112 -26.40 -31.43 -28.96
N LEU A 113 -25.21 -30.95 -28.60
CA LEU A 113 -24.77 -29.63 -29.04
C LEU A 113 -24.68 -29.56 -30.56
N TRP A 114 -24.04 -30.54 -31.19
CA TRP A 114 -23.91 -30.55 -32.65
C TRP A 114 -25.29 -30.44 -33.32
N THR A 115 -26.24 -31.23 -32.83
CA THR A 115 -27.58 -31.29 -33.38
C THR A 115 -28.28 -29.94 -33.24
N LYS A 116 -28.07 -29.30 -32.09
CA LYS A 116 -28.61 -27.95 -31.87
C LYS A 116 -28.05 -26.99 -32.95
N LEU A 117 -26.74 -27.01 -33.17
CA LEU A 117 -26.13 -26.14 -34.17
C LEU A 117 -26.66 -26.44 -35.57
N GLU A 118 -26.82 -27.72 -35.89
CA GLU A 118 -27.32 -28.11 -37.21
C GLU A 118 -28.77 -27.66 -37.37
N GLN A 119 -29.60 -27.92 -36.38
CA GLN A 119 -31.02 -27.53 -36.43
C GLN A 119 -31.19 -26.03 -36.55
N LYS A 120 -30.25 -25.28 -35.99
CA LYS A 120 -30.27 -23.83 -36.07
C LYS A 120 -29.85 -23.30 -37.45
N GLY A 121 -29.33 -24.18 -38.30
CA GLY A 121 -28.92 -23.83 -39.66
C GLY A 121 -27.49 -23.30 -39.77
N ASP A 122 -26.67 -23.55 -38.75
CA ASP A 122 -25.32 -22.99 -38.71
C ASP A 122 -24.23 -23.97 -39.09
N ILE A 123 -24.62 -25.15 -39.60
CA ILE A 123 -23.66 -26.10 -40.11
C ILE A 123 -24.01 -26.57 -41.51
N TYR A 124 -23.04 -26.46 -42.43
CA TYR A 124 -23.23 -26.90 -43.81
C TYR A 124 -22.04 -27.71 -44.25
N LEU A 125 -22.23 -28.50 -45.30
CA LEU A 125 -21.13 -29.25 -45.87
C LEU A 125 -20.38 -28.35 -46.83
N GLY A 126 -19.08 -28.20 -46.57
CA GLY A 126 -18.19 -27.47 -47.48
C GLY A 126 -16.82 -28.13 -47.54
N ARG A 127 -15.79 -27.30 -47.71
CA ARG A 127 -14.39 -27.74 -47.81
C ARG A 127 -13.50 -26.83 -46.99
N TYR A 128 -12.47 -27.40 -46.37
CA TYR A 128 -11.34 -26.62 -45.92
C TYR A 128 -10.17 -26.96 -46.82
N GLU A 129 -9.60 -25.93 -47.44
CA GLU A 129 -8.34 -26.06 -48.17
C GLU A 129 -7.37 -25.02 -47.60
N GLY A 130 -6.50 -25.47 -46.71
CA GLY A 130 -5.59 -24.55 -46.06
C GLY A 130 -4.68 -25.24 -45.08
N TRP A 131 -3.95 -24.44 -44.31
CA TRP A 131 -2.95 -24.99 -43.39
C TRP A 131 -3.58 -25.43 -42.06
N TYR A 132 -2.96 -26.45 -41.48
CA TYR A 132 -3.39 -26.96 -40.19
C TYR A 132 -2.16 -27.28 -39.35
N SER A 133 -2.24 -27.00 -38.06
CA SER A 133 -1.22 -27.46 -37.11
C SER A 133 -1.80 -28.57 -36.25
N ILE A 134 -1.19 -29.74 -36.35
CA ILE A 134 -1.68 -30.93 -35.68
C ILE A 134 -1.43 -30.84 -34.19
N SER A 135 -0.24 -30.37 -33.84
CA SER A 135 0.16 -30.21 -32.45
C SER A 135 -0.74 -29.21 -31.73
N ASP A 136 -1.23 -28.19 -32.43
CA ASP A 136 -2.16 -27.22 -31.84
C ASP A 136 -3.62 -27.54 -32.13
N GLU A 137 -3.84 -28.49 -33.04
CA GLU A 137 -5.15 -28.80 -33.59
C GLU A 137 -5.83 -27.55 -34.09
N SER A 138 -5.04 -26.68 -34.71
CA SER A 138 -5.51 -25.36 -35.10
C SER A 138 -5.43 -25.12 -36.61
N PHE A 139 -6.48 -24.49 -37.17
CA PHE A 139 -6.44 -24.02 -38.54
C PHE A 139 -5.67 -22.70 -38.61
N LEU A 140 -4.89 -22.51 -39.66
CA LEU A 140 -4.10 -21.30 -39.80
C LEU A 140 -4.20 -20.74 -41.20
N THR A 141 -4.14 -19.41 -41.32
CA THR A 141 -4.13 -18.74 -42.60
C THR A 141 -2.67 -18.59 -43.02
N PRO A 142 -2.42 -18.30 -44.30
CA PRO A 142 -1.02 -18.17 -44.74
C PRO A 142 -0.21 -17.09 -43.99
N GLN A 143 -0.89 -16.05 -43.51
CA GLN A 143 -0.25 -14.99 -42.73
C GLN A 143 0.31 -15.52 -41.41
N ASN A 144 -0.18 -16.67 -40.95
CA ASN A 144 0.21 -17.23 -39.67
C ASN A 144 1.17 -18.40 -39.71
N ILE A 145 1.82 -18.59 -40.86
CA ILE A 145 2.87 -19.60 -40.98
C ILE A 145 4.13 -18.96 -41.53
N THR A 146 5.24 -19.65 -41.38
CA THR A 146 6.52 -19.21 -41.92
C THR A 146 7.43 -20.42 -42.15
N ASP A 147 8.67 -20.17 -42.54
CA ASP A 147 9.61 -21.26 -42.83
C ASP A 147 10.33 -21.74 -41.57
N GLY A 148 10.60 -23.04 -41.50
CA GLY A 148 11.32 -23.64 -40.38
C GLY A 148 11.81 -25.05 -40.68
N VAL A 149 12.08 -25.83 -39.64
CA VAL A 149 12.50 -27.24 -39.80
C VAL A 149 11.75 -28.23 -38.89
N ASP A 150 11.66 -29.47 -39.37
CA ASP A 150 10.98 -30.56 -38.65
C ASP A 150 11.95 -31.28 -37.72
N LYS A 151 11.49 -32.37 -37.11
CA LYS A 151 12.33 -33.22 -36.26
C LYS A 151 13.56 -33.77 -37.01
N ASP A 152 13.43 -33.94 -38.33
CA ASP A 152 14.58 -34.26 -39.19
C ASP A 152 15.61 -33.12 -39.18
N GLY A 153 15.16 -31.95 -39.62
CA GLY A 153 16.04 -30.87 -40.05
C GLY A 153 15.79 -30.48 -41.51
N ASN A 154 14.87 -31.18 -42.17
CA ASN A 154 14.38 -30.76 -43.48
C ASN A 154 13.57 -29.46 -43.39
N PRO A 155 13.57 -28.66 -44.48
CA PRO A 155 12.84 -27.41 -44.46
C PRO A 155 11.35 -27.68 -44.54
N CYS A 156 10.55 -26.87 -43.86
CA CYS A 156 9.11 -27.06 -43.86
C CYS A 156 8.43 -25.76 -43.46
N LYS A 157 7.12 -25.80 -43.34
CA LYS A 157 6.37 -24.67 -42.84
C LYS A 157 6.01 -24.92 -41.39
N VAL A 158 6.15 -23.89 -40.57
CA VAL A 158 5.82 -23.96 -39.15
C VAL A 158 4.82 -22.86 -38.79
N SER A 159 4.17 -23.02 -37.66
CA SER A 159 3.23 -22.03 -37.17
C SER A 159 3.96 -20.83 -36.57
N LEU A 160 3.44 -19.63 -36.84
CA LEU A 160 3.93 -18.42 -36.18
C LEU A 160 3.48 -18.43 -34.73
N GLU A 161 2.21 -18.80 -34.49
CA GLU A 161 1.69 -18.99 -33.13
C GLU A 161 2.72 -19.73 -32.28
N SER A 162 3.16 -20.91 -32.72
CA SER A 162 3.82 -21.84 -31.82
C SER A 162 5.05 -22.58 -32.35
N GLY A 163 5.43 -22.34 -33.60
CA GLY A 163 6.61 -22.97 -34.18
C GLY A 163 6.48 -24.45 -34.48
N HIS A 164 5.27 -25.00 -34.35
CA HIS A 164 5.04 -26.40 -34.65
C HIS A 164 4.82 -26.60 -36.13
N VAL A 165 5.16 -27.78 -36.61
CA VAL A 165 5.06 -28.10 -38.03
C VAL A 165 3.62 -28.02 -38.52
N VAL A 166 3.41 -27.31 -39.63
CA VAL A 166 2.09 -27.25 -40.26
C VAL A 166 2.05 -28.12 -41.51
N THR A 167 0.83 -28.52 -41.87
CA THR A 167 0.58 -29.32 -43.04
C THR A 167 -0.65 -28.79 -43.75
N TRP A 168 -0.71 -29.04 -45.05
CA TRP A 168 -1.81 -28.57 -45.87
C TRP A 168 -2.90 -29.62 -45.86
N VAL A 169 -4.14 -29.16 -45.71
CA VAL A 169 -5.31 -30.02 -45.61
C VAL A 169 -6.27 -29.63 -46.72
N SER A 170 -6.74 -30.62 -47.46
CA SER A 170 -7.79 -30.40 -48.44
C SER A 170 -8.84 -31.48 -48.26
N GLU A 171 -9.96 -31.10 -47.65
CA GLU A 171 -11.00 -32.07 -47.24
C GLU A 171 -12.37 -31.46 -47.30
N GLU A 172 -13.32 -32.24 -47.78
CA GLU A 172 -14.74 -31.95 -47.59
C GLU A 172 -15.08 -32.07 -46.10
N ASN A 173 -15.49 -30.97 -45.48
CA ASN A 173 -15.79 -30.92 -44.03
C ASN A 173 -17.12 -30.24 -43.79
N TYR A 174 -17.77 -30.57 -42.67
CA TYR A 174 -18.88 -29.76 -42.17
C TYR A 174 -18.26 -28.47 -41.64
N MET A 175 -18.89 -27.35 -41.99
CA MET A 175 -18.43 -26.01 -41.61
C MET A 175 -19.44 -25.34 -40.69
N PHE A 176 -18.94 -24.65 -39.67
CA PHE A 176 -19.78 -23.84 -38.79
C PHE A 176 -19.74 -22.41 -39.33
N ARG A 177 -20.91 -21.76 -39.36
CA ARG A 177 -21.04 -20.40 -39.93
C ARG A 177 -20.54 -19.31 -38.98
N LEU A 178 -19.26 -19.36 -38.66
CA LEU A 178 -18.66 -18.44 -37.69
C LEU A 178 -18.69 -16.99 -38.20
N SER A 179 -18.58 -16.84 -39.51
CA SER A 179 -18.60 -15.52 -40.13
C SER A 179 -19.87 -14.76 -39.76
N ALA A 180 -20.97 -15.48 -39.55
CA ALA A 180 -22.26 -14.86 -39.24
C ALA A 180 -22.32 -14.30 -37.82
N PHE A 181 -21.32 -14.59 -36.99
CA PHE A 181 -21.33 -14.24 -35.57
C PHE A 181 -20.39 -13.07 -35.22
N ARG A 182 -19.72 -12.50 -36.23
CA ARG A 182 -18.85 -11.35 -36.04
C ARG A 182 -19.47 -10.20 -35.25
N GLU A 183 -20.61 -9.69 -35.69
CA GLU A 183 -21.24 -8.55 -35.02
C GLU A 183 -21.72 -8.84 -33.61
N ARG A 184 -22.27 -10.03 -33.38
CA ARG A 184 -22.80 -10.40 -32.06
C ARG A 184 -21.67 -10.54 -31.02
N LEU A 185 -20.56 -11.14 -31.45
CA LEU A 185 -19.37 -11.25 -30.61
C LEU A 185 -18.82 -9.89 -30.25
N LEU A 186 -18.80 -8.98 -31.22
CA LEU A 186 -18.37 -7.60 -30.97
C LEU A 186 -19.27 -6.88 -29.97
N GLU A 187 -20.59 -7.02 -30.14
CA GLU A 187 -21.57 -6.51 -29.18
C GLU A 187 -21.25 -7.06 -27.79
N TRP A 188 -20.84 -8.32 -27.72
CA TRP A 188 -20.56 -8.97 -26.46
C TRP A 188 -19.31 -8.42 -25.77
N TYR A 189 -18.24 -8.23 -26.54
CA TYR A 189 -16.97 -7.75 -25.99
C TYR A 189 -17.12 -6.36 -25.41
N HIS A 190 -17.85 -5.51 -26.12
CA HIS A 190 -18.03 -4.12 -25.73
C HIS A 190 -18.98 -3.97 -24.56
N ALA A 191 -20.09 -4.70 -24.58
CA ALA A 191 -21.11 -4.59 -23.55
C ALA A 191 -20.63 -5.17 -22.24
N ASN A 192 -19.61 -6.03 -22.30
CA ASN A 192 -19.06 -6.68 -21.11
C ASN A 192 -17.55 -6.55 -21.11
N PRO A 193 -17.04 -5.35 -20.84
CA PRO A 193 -15.61 -5.11 -21.00
C PRO A 193 -14.72 -5.81 -19.97
N GLY A 194 -15.29 -6.47 -18.97
CA GLY A 194 -14.52 -7.33 -18.08
C GLY A 194 -14.50 -8.81 -18.48
N CYS A 195 -15.06 -9.14 -19.64
CA CYS A 195 -15.24 -10.54 -20.01
C CYS A 195 -13.95 -11.27 -20.38
N ILE A 196 -12.92 -10.54 -20.77
CA ILE A 196 -11.65 -11.17 -21.09
C ILE A 196 -10.57 -10.43 -20.32
N VAL A 197 -9.74 -11.18 -19.61
CA VAL A 197 -8.70 -10.64 -18.75
C VAL A 197 -7.39 -11.34 -19.12
N PRO A 198 -6.27 -10.60 -19.16
CA PRO A 198 -6.12 -9.17 -18.94
C PRO A 198 -6.51 -8.36 -20.17
N GLU A 199 -6.64 -7.06 -19.95
CA GLU A 199 -7.20 -6.14 -20.92
C GLU A 199 -6.50 -6.19 -22.28
N PHE A 200 -5.18 -6.30 -22.29
CA PHE A 200 -4.46 -6.31 -23.58
C PHE A 200 -4.78 -7.56 -24.42
N ARG A 201 -5.18 -8.66 -23.78
CA ARG A 201 -5.63 -9.86 -24.52
C ARG A 201 -7.05 -9.68 -24.98
N ARG A 202 -7.86 -8.99 -24.20
CA ARG A 202 -9.18 -8.59 -24.66
C ARG A 202 -9.09 -7.74 -25.91
N ARG A 203 -8.15 -6.80 -25.94
CA ARG A 203 -7.94 -5.96 -27.12
C ARG A 203 -7.45 -6.76 -28.32
N GLU A 204 -6.58 -7.74 -28.09
CA GLU A 204 -6.14 -8.64 -29.16
C GLU A 204 -7.33 -9.31 -29.85
N VAL A 205 -8.22 -9.88 -29.03
CA VAL A 205 -9.38 -10.60 -29.53
C VAL A 205 -10.28 -9.69 -30.37
N ILE A 206 -10.56 -8.48 -29.88
CA ILE A 206 -11.43 -7.55 -30.61
C ILE A 206 -10.83 -7.20 -31.98
N ARG A 207 -9.56 -6.83 -31.99
CA ARG A 207 -8.85 -6.54 -33.24
C ARG A 207 -9.00 -7.67 -34.26
N ALA A 208 -8.84 -8.91 -33.81
CA ALA A 208 -8.91 -10.07 -34.69
C ALA A 208 -10.32 -10.25 -35.26
N VAL A 209 -11.32 -10.03 -34.42
CA VAL A 209 -12.70 -10.21 -34.83
C VAL A 209 -13.17 -9.02 -35.68
N GLU A 210 -12.62 -7.83 -35.41
CA GLU A 210 -12.88 -6.66 -36.27
C GLU A 210 -12.52 -6.96 -37.71
N LYS A 211 -11.36 -7.58 -37.91
CA LYS A 211 -10.85 -7.85 -39.26
C LYS A 211 -11.68 -8.81 -40.11
N GLY A 212 -12.54 -9.59 -39.47
CA GLY A 212 -13.42 -10.52 -40.18
C GLY A 212 -13.17 -11.94 -39.71
N LEU A 213 -14.17 -12.79 -39.90
CA LEU A 213 -14.07 -14.19 -39.50
C LEU A 213 -14.49 -15.09 -40.65
N PRO A 214 -13.67 -16.09 -40.96
CA PRO A 214 -14.10 -17.11 -41.89
C PRO A 214 -14.93 -18.19 -41.16
N ASP A 215 -15.64 -19.01 -41.92
CA ASP A 215 -16.33 -20.17 -41.36
C ASP A 215 -15.31 -21.21 -40.91
N LEU A 216 -15.70 -22.02 -39.94
CA LEU A 216 -14.79 -22.90 -39.25
C LEU A 216 -15.16 -24.35 -39.53
N SER A 217 -14.16 -25.13 -39.90
CA SER A 217 -14.35 -26.56 -40.10
C SER A 217 -14.53 -27.27 -38.75
N VAL A 218 -15.70 -27.90 -38.57
CA VAL A 218 -16.05 -28.57 -37.31
C VAL A 218 -16.18 -30.10 -37.45
N SER A 219 -15.84 -30.62 -38.63
CA SER A 219 -15.65 -32.05 -38.82
C SER A 219 -14.40 -32.35 -39.66
N ARG A 220 -13.93 -33.59 -39.58
CA ARG A 220 -12.83 -34.08 -40.41
C ARG A 220 -13.16 -35.48 -40.88
N ALA A 221 -12.62 -35.85 -42.03
CA ALA A 221 -12.72 -37.22 -42.54
C ALA A 221 -12.15 -38.18 -41.51
N ARG A 222 -12.80 -39.33 -41.34
CA ARG A 222 -12.49 -40.26 -40.25
C ARG A 222 -11.10 -40.89 -40.36
N ALA A 223 -10.66 -41.15 -41.58
CA ALA A 223 -9.32 -41.69 -41.81
C ALA A 223 -8.23 -40.78 -41.23
N THR A 224 -8.31 -39.49 -41.53
CA THR A 224 -7.36 -38.50 -41.01
C THR A 224 -7.16 -38.57 -39.49
N LEU A 225 -8.24 -38.80 -38.75
CA LEU A 225 -8.20 -38.87 -37.28
C LEU A 225 -7.90 -40.28 -36.73
N HIS A 226 -7.51 -41.20 -37.61
CA HIS A 226 -7.28 -42.60 -37.21
C HIS A 226 -8.49 -43.13 -36.43
N ASN A 227 -9.68 -42.67 -36.83
CA ASN A 227 -10.93 -43.06 -36.20
C ASN A 227 -10.95 -42.93 -34.68
N TRP A 228 -10.23 -41.94 -34.16
CA TRP A 228 -10.17 -41.71 -32.74
C TRP A 228 -10.79 -40.36 -32.41
N ALA A 229 -12.12 -40.35 -32.35
CA ALA A 229 -12.89 -39.13 -32.22
C ALA A 229 -14.38 -39.45 -32.12
N ILE A 230 -15.23 -38.42 -31.99
CA ILE A 230 -16.68 -38.60 -31.88
C ILE A 230 -17.33 -38.52 -33.26
N PRO A 231 -18.06 -39.58 -33.69
CA PRO A 231 -18.70 -39.50 -35.01
C PRO A 231 -19.71 -38.38 -35.09
N VAL A 232 -19.77 -37.71 -36.22
CA VAL A 232 -20.79 -36.70 -36.48
C VAL A 232 -22.16 -37.39 -36.52
N PRO A 233 -23.14 -36.87 -35.78
CA PRO A 233 -24.51 -37.41 -35.84
C PRO A 233 -25.07 -37.44 -37.26
N GLY A 234 -25.60 -38.59 -37.66
CA GLY A 234 -26.15 -38.77 -39.00
C GLY A 234 -25.12 -38.90 -40.12
N ASN A 235 -23.83 -38.88 -39.80
CA ASN A 235 -22.81 -39.07 -40.83
C ASN A 235 -21.53 -39.69 -40.27
N PRO A 236 -21.46 -41.03 -40.24
CA PRO A 236 -20.33 -41.74 -39.64
C PRO A 236 -19.02 -41.71 -40.46
N ASP A 237 -19.00 -41.07 -41.63
CA ASP A 237 -17.76 -40.88 -42.38
C ASP A 237 -16.94 -39.69 -41.85
N HIS A 238 -17.56 -38.85 -41.02
CA HIS A 238 -16.90 -37.67 -40.43
C HIS A 238 -16.79 -37.80 -38.92
N CAS A 239 -15.74 -37.20 -38.36
CA CAS A 239 -15.58 -37.09 -36.92
CB CAS A 239 -14.21 -37.57 -36.46
C CAS A 239 -15.68 -35.63 -36.55
O CAS A 239 -15.32 -34.75 -37.33
SG CAS A 239 -13.77 -39.17 -37.08
AS CAS A 239 -15.23 -40.46 -36.07
CE1 CAS A 239 -16.14 -41.56 -37.47
CE2 CAS A 239 -14.30 -41.74 -34.87
N VAL A 240 -16.15 -35.34 -35.34
CA VAL A 240 -16.30 -33.97 -34.87
C VAL A 240 -14.94 -33.35 -34.53
N TYR A 241 -14.74 -32.10 -34.94
CA TYR A 241 -13.52 -31.35 -34.64
C TYR A 241 -13.18 -31.52 -33.16
N VAL A 242 -11.95 -31.93 -32.87
CA VAL A 242 -11.53 -32.16 -31.50
C VAL A 242 -11.79 -30.93 -30.60
N TRP A 243 -11.70 -29.74 -31.17
CA TRP A 243 -11.90 -28.54 -30.36
C TRP A 243 -13.37 -28.29 -30.00
N LEU A 244 -14.30 -28.62 -30.88
CA LEU A 244 -15.72 -28.49 -30.55
C LEU A 244 -16.07 -29.50 -29.47
N ASP A 245 -15.64 -30.74 -29.67
CA ASP A 245 -15.67 -31.79 -28.66
C ASP A 245 -15.12 -31.27 -27.34
N ALA A 246 -13.89 -30.75 -27.36
CA ALA A 246 -13.20 -30.35 -26.13
C ALA A 246 -13.88 -29.20 -25.37
N LEU A 247 -14.25 -28.13 -26.08
CA LEU A 247 -14.90 -27.00 -25.42
C LEU A 247 -16.20 -27.45 -24.75
N THR A 248 -16.88 -28.40 -25.36
CA THR A 248 -18.12 -28.92 -24.80
C THR A 248 -17.95 -29.54 -23.39
N ASN A 249 -16.71 -29.86 -22.99
CA ASN A 249 -16.47 -30.41 -21.63
C ASN A 249 -17.02 -29.49 -20.57
N TYR A 250 -16.97 -28.19 -20.83
CA TYR A 250 -17.49 -27.22 -19.88
C TYR A 250 -19.00 -27.41 -19.69
N LEU A 251 -19.72 -27.68 -20.78
CA LEU A 251 -21.16 -27.91 -20.71
C LEU A 251 -21.46 -29.27 -20.07
N THR A 252 -20.69 -30.29 -20.45
CA THR A 252 -20.83 -31.62 -19.86
C THR A 252 -20.69 -31.58 -18.34
N GLY A 253 -19.59 -31.02 -17.87
CA GLY A 253 -19.32 -30.94 -16.44
C GLY A 253 -20.40 -30.18 -15.70
N SER A 254 -20.96 -29.16 -16.34
CA SER A 254 -22.05 -28.41 -15.72
C SER A 254 -23.30 -29.27 -15.53
N ARG A 255 -23.38 -30.41 -16.21
CA ARG A 255 -24.56 -31.29 -16.16
C ARG A 255 -24.35 -32.64 -15.48
N LEU A 256 -23.22 -32.81 -14.81
CA LEU A 256 -22.92 -34.09 -14.16
C LEU A 256 -23.17 -34.03 -12.65
N ARG A 257 -24.02 -34.93 -12.17
CA ARG A 257 -24.09 -35.22 -10.73
C ARG A 257 -22.95 -36.16 -10.34
N VAL A 258 -22.15 -35.72 -9.37
CA VAL A 258 -20.94 -36.41 -8.94
C VAL A 258 -21.14 -36.89 -7.51
N ASP A 259 -20.79 -38.14 -7.22
CA ASP A 259 -20.91 -38.67 -5.85
C ASP A 259 -19.76 -38.17 -4.98
N GLU A 260 -19.78 -38.48 -3.69
CA GLU A 260 -18.76 -37.96 -2.76
C GLU A 260 -17.37 -38.55 -3.02
N SER A 261 -17.31 -39.66 -3.75
CA SER A 261 -16.04 -40.27 -4.18
C SER A 261 -15.42 -39.55 -5.40
N GLY A 262 -16.19 -38.72 -6.09
CA GLY A 262 -15.68 -37.98 -7.25
C GLY A 262 -15.95 -38.67 -8.57
N LYS A 263 -16.70 -39.77 -8.55
CA LYS A 263 -17.12 -40.44 -9.76
C LYS A 263 -18.45 -39.86 -10.24
N GLU A 264 -18.55 -39.64 -11.54
CA GLU A 264 -19.79 -39.20 -12.17
C GLU A 264 -20.84 -40.30 -12.03
N VAL A 265 -22.08 -39.93 -11.73
CA VAL A 265 -23.14 -40.92 -11.60
C VAL A 265 -24.38 -40.65 -12.46
N SER A 266 -24.47 -39.48 -13.09
CA SER A 266 -25.71 -39.12 -13.77
C SER A 266 -25.56 -37.82 -14.57
N LEU A 267 -26.14 -37.81 -15.77
CA LEU A 267 -26.12 -36.65 -16.63
C LEU A 267 -27.54 -36.11 -16.67
N VAL A 268 -27.74 -34.88 -16.22
CA VAL A 268 -29.07 -34.23 -16.28
C VAL A 268 -29.34 -33.68 -17.67
N ASP A 269 -30.62 -33.48 -17.98
CA ASP A 269 -31.01 -33.04 -19.32
C ASP A 269 -30.75 -31.56 -19.54
N ASP A 270 -30.93 -30.77 -18.48
CA ASP A 270 -30.98 -29.32 -18.54
C ASP A 270 -30.00 -28.78 -17.51
N PHE A 271 -28.99 -28.04 -17.97
CA PHE A 271 -27.98 -27.44 -17.08
C PHE A 271 -28.56 -26.64 -15.89
N ASN A 272 -29.67 -25.93 -16.09
CA ASN A 272 -30.29 -25.16 -15.01
C ASN A 272 -30.57 -26.00 -13.77
N GLU A 273 -30.71 -27.30 -13.95
CA GLU A 273 -30.94 -28.21 -12.83
C GLU A 273 -29.78 -28.17 -11.81
N LEU A 274 -28.55 -28.01 -12.27
CA LEU A 274 -27.41 -27.97 -11.35
C LEU A 274 -26.88 -26.55 -11.09
N GLU A 275 -27.40 -25.55 -11.81
CA GLU A 275 -27.12 -24.14 -11.52
C GLU A 275 -25.64 -23.77 -11.66
N ARG A 276 -24.92 -24.46 -12.54
CA ARG A 276 -23.49 -24.19 -12.75
C ARG A 276 -23.23 -23.40 -14.02
N PHE A 277 -23.91 -23.77 -15.10
CA PHE A 277 -23.63 -23.19 -16.41
C PHE A 277 -24.28 -21.81 -16.48
N PRO A 278 -23.61 -20.83 -17.11
CA PRO A 278 -22.29 -20.83 -17.74
C PRO A 278 -21.18 -20.58 -16.75
N ALA A 279 -19.96 -20.90 -17.13
CA ALA A 279 -18.80 -20.70 -16.26
C ALA A 279 -18.69 -19.26 -15.89
N ASP A 280 -18.41 -19.05 -14.61
CA ASP A 280 -18.12 -17.73 -14.12
C ASP A 280 -16.72 -17.32 -14.51
N VAL A 281 -15.80 -18.28 -14.50
CA VAL A 281 -14.42 -18.06 -14.94
C VAL A 281 -13.82 -19.27 -15.65
N HIS A 282 -13.42 -19.11 -16.91
CA HIS A 282 -12.59 -20.08 -17.60
C HIS A 282 -11.14 -19.64 -17.48
N VAL A 283 -10.33 -20.41 -16.75
CA VAL A 283 -8.89 -20.18 -16.70
C VAL A 283 -8.26 -20.85 -17.91
N ILE A 284 -7.49 -20.09 -18.69
CA ILE A 284 -6.76 -20.66 -19.84
C ILE A 284 -5.38 -20.07 -19.99
N GLY A 285 -4.58 -20.69 -20.83
CA GLY A 285 -3.29 -20.13 -21.22
C GLY A 285 -3.45 -19.27 -22.45
N LYS A 286 -2.48 -18.39 -22.69
CA LYS A 286 -2.55 -17.46 -23.83
C LYS A 286 -2.62 -18.19 -25.17
N ASP A 287 -2.01 -19.37 -25.22
CA ASP A 287 -1.97 -20.15 -26.45
C ASP A 287 -3.30 -20.66 -26.97
N ILE A 288 -4.39 -20.61 -26.18
CA ILE A 288 -5.70 -21.13 -26.63
C ILE A 288 -6.83 -20.12 -26.50
N LEU A 289 -6.48 -18.85 -26.63
CA LEU A 289 -7.42 -17.76 -26.49
C LEU A 289 -8.52 -17.78 -27.54
N LYS A 290 -8.17 -18.03 -28.79
CA LYS A 290 -9.15 -17.90 -29.88
C LYS A 290 -10.29 -18.90 -29.72
N PHE A 291 -9.96 -20.11 -29.25
CA PHE A 291 -10.95 -21.17 -29.10
C PHE A 291 -12.00 -20.77 -28.07
N HIS A 292 -11.53 -20.15 -26.99
CA HIS A 292 -12.36 -19.78 -25.85
C HIS A 292 -13.10 -18.45 -26.00
N ALA A 293 -12.50 -17.47 -26.68
CA ALA A 293 -13.07 -16.11 -26.75
C ALA A 293 -13.76 -15.79 -28.07
N ILE A 294 -13.57 -16.65 -29.07
CA ILE A 294 -14.21 -16.51 -30.36
C ILE A 294 -15.07 -17.72 -30.70
N TYR A 295 -14.47 -18.91 -30.73
CA TYR A 295 -15.22 -20.09 -31.20
C TYR A 295 -16.34 -20.45 -30.24
N TRP A 296 -15.96 -20.56 -28.97
CA TRP A 296 -16.85 -21.03 -27.92
C TRP A 296 -18.09 -20.13 -27.80
N PRO A 297 -17.92 -18.80 -27.69
CA PRO A 297 -19.13 -17.99 -27.57
C PRO A 297 -20.00 -18.04 -28.82
N ALA A 298 -19.38 -18.19 -29.98
CA ALA A 298 -20.14 -18.32 -31.22
C ALA A 298 -21.01 -19.58 -31.23
N PHE A 299 -20.44 -20.71 -30.79
CA PHE A 299 -21.22 -21.95 -30.64
C PHE A 299 -22.38 -21.75 -29.68
N LEU A 300 -22.12 -21.08 -28.56
CA LEU A 300 -23.14 -20.87 -27.53
C LEU A 300 -24.26 -20.00 -28.06
N LEU A 301 -23.90 -18.94 -28.79
CA LEU A 301 -24.89 -18.06 -29.41
C LEU A 301 -25.73 -18.84 -30.41
N SER A 302 -25.10 -19.70 -31.21
CA SER A 302 -25.81 -20.52 -32.18
C SER A 302 -26.80 -21.43 -31.47
N ALA A 303 -26.32 -22.15 -30.47
CA ALA A 303 -27.14 -23.11 -29.75
C ALA A 303 -28.18 -22.45 -28.87
N GLY A 304 -28.01 -21.17 -28.57
CA GLY A 304 -28.93 -20.47 -27.69
C GLY A 304 -28.62 -20.69 -26.22
N LEU A 305 -27.34 -20.93 -25.90
CA LEU A 305 -26.89 -21.10 -24.52
C LEU A 305 -26.26 -19.81 -23.99
N PRO A 306 -26.19 -19.67 -22.66
CA PRO A 306 -25.62 -18.43 -22.11
C PRO A 306 -24.10 -18.42 -22.18
N LEU A 307 -23.52 -17.22 -22.25
CA LEU A 307 -22.08 -17.06 -22.41
C LEU A 307 -21.37 -17.02 -21.07
N PRO A 308 -20.08 -17.41 -21.05
CA PRO A 308 -19.29 -17.28 -19.82
C PRO A 308 -19.18 -15.82 -19.34
N LYS A 309 -18.86 -15.62 -18.07
CA LYS A 309 -18.75 -14.28 -17.54
C LYS A 309 -17.36 -13.71 -17.78
N LYS A 310 -16.35 -14.52 -17.53
CA LYS A 310 -14.94 -14.13 -17.64
C LYS A 310 -14.09 -15.25 -18.24
N ILE A 311 -13.19 -14.89 -19.14
CA ILE A 311 -12.08 -15.74 -19.55
C ILE A 311 -10.81 -15.05 -19.07
N VAL A 312 -10.00 -15.74 -18.27
CA VAL A 312 -8.73 -15.20 -17.83
C VAL A 312 -7.62 -16.00 -18.49
N ALA A 313 -6.75 -15.30 -19.22
CA ALA A 313 -5.68 -15.95 -19.97
C ALA A 313 -4.34 -15.59 -19.33
N HIS A 314 -3.72 -16.56 -18.68
CA HIS A 314 -2.47 -16.33 -18.00
C HIS A 314 -1.31 -16.32 -18.99
N GLY A 315 -0.13 -15.92 -18.52
CA GLY A 315 1.03 -15.72 -19.38
C GLY A 315 1.83 -16.95 -19.76
N TRP A 316 1.54 -18.08 -19.15
CA TRP A 316 2.18 -19.32 -19.55
C TRP A 316 1.47 -19.92 -20.77
N TRP A 317 2.06 -20.99 -21.31
CA TRP A 317 1.44 -21.83 -22.32
C TRP A 317 0.75 -23.01 -21.62
N THR A 318 -0.47 -23.31 -22.04
CA THR A 318 -1.17 -24.53 -21.61
C THR A 318 -0.24 -25.75 -21.79
N LYS A 319 0.42 -25.81 -22.95
CA LYS A 319 1.23 -26.94 -23.36
C LYS A 319 2.50 -26.46 -24.03
N ASP A 320 3.59 -27.23 -23.89
CA ASP A 320 4.87 -26.92 -24.54
C ASP A 320 5.86 -28.08 -24.41
N ARG A 321 7.15 -27.77 -24.62
CA ARG A 321 8.29 -28.60 -24.20
C ARG A 321 7.95 -29.56 -23.04
N GLY A 329 17.95 -29.64 -22.75
CA GLY A 329 18.06 -30.26 -21.44
C GLY A 329 17.90 -29.26 -20.30
N ASN A 330 16.64 -28.98 -19.96
CA ASN A 330 16.31 -28.08 -18.85
C ASN A 330 14.92 -28.41 -18.32
N VAL A 331 14.84 -28.83 -17.05
CA VAL A 331 13.61 -29.36 -16.45
C VAL A 331 13.19 -28.56 -15.21
N PHE A 332 11.89 -28.64 -14.91
CA PHE A 332 11.32 -28.10 -13.68
C PHE A 332 10.14 -29.00 -13.32
N ASP A 333 10.40 -30.01 -12.50
CA ASP A 333 9.37 -30.95 -12.07
C ASP A 333 8.61 -30.36 -10.87
N PRO A 334 7.27 -30.35 -10.92
CA PRO A 334 6.51 -29.70 -9.86
C PRO A 334 6.52 -30.47 -8.54
N VAL A 335 6.32 -31.78 -8.61
CA VAL A 335 6.32 -32.61 -7.41
C VAL A 335 7.71 -32.65 -6.77
N GLU A 336 8.75 -32.54 -7.59
CA GLU A 336 10.12 -32.63 -7.10
C GLU A 336 10.50 -31.35 -6.37
N LYS A 337 10.10 -30.20 -6.91
CA LYS A 337 10.33 -28.92 -6.24
C LYS A 337 9.49 -28.79 -4.98
N ALA A 338 8.30 -29.39 -5.00
CA ALA A 338 7.41 -29.33 -3.85
C ALA A 338 7.95 -30.17 -2.69
N GLU A 339 8.51 -31.33 -2.99
CA GLU A 339 9.13 -32.16 -1.94
C GLU A 339 10.36 -31.46 -1.36
N GLU A 340 11.13 -30.78 -2.22
CA GLU A 340 12.30 -30.02 -1.76
C GLU A 340 11.91 -28.79 -0.95
N PHE A 341 11.10 -27.91 -1.56
CA PHE A 341 10.80 -26.59 -0.99
C PHE A 341 9.47 -26.51 -0.24
N GLY A 342 8.54 -27.41 -0.56
CA GLY A 342 7.21 -27.38 0.05
C GLY A 342 6.11 -27.08 -0.95
N TYR A 343 4.98 -27.78 -0.81
CA TYR A 343 3.82 -27.59 -1.65
C TYR A 343 3.19 -26.20 -1.57
N ASP A 344 2.93 -25.71 -0.37
CA ASP A 344 2.33 -24.38 -0.22
C ASP A 344 3.30 -23.30 -0.71
N ALA A 345 4.58 -23.44 -0.38
CA ALA A 345 5.60 -22.49 -0.80
C ALA A 345 5.75 -22.45 -2.32
N LEU A 346 5.71 -23.60 -2.96
CA LEU A 346 5.82 -23.68 -4.42
C LEU A 346 4.66 -22.99 -5.09
N LYS A 347 3.46 -23.29 -4.59
CA LYS A 347 2.25 -22.66 -5.05
C LYS A 347 2.32 -21.15 -4.86
N TYR A 348 2.71 -20.72 -3.66
CA TYR A 348 2.88 -19.29 -3.36
C TYR A 348 3.79 -18.65 -4.41
N PHE A 349 4.96 -19.25 -4.59
CA PHE A 349 5.92 -18.75 -5.55
C PHE A 349 5.35 -18.57 -6.96
N LEU A 350 4.68 -19.61 -7.48
CA LEU A 350 4.17 -19.59 -8.83
C LEU A 350 3.14 -18.50 -9.03
N LEU A 351 2.34 -18.26 -8.00
CA LEU A 351 1.28 -17.27 -8.05
C LEU A 351 1.78 -15.86 -7.77
N ARG A 352 2.86 -15.77 -6.99
CA ARG A 352 3.49 -14.50 -6.65
C ARG A 352 4.43 -13.98 -7.74
N GLU A 353 5.20 -14.87 -8.35
CA GLU A 353 6.27 -14.46 -9.27
C GLU A 353 5.72 -13.99 -10.60
N SER A 354 4.68 -14.65 -11.10
CA SER A 354 4.13 -14.33 -12.43
C SER A 354 2.84 -13.54 -12.41
N GLY A 355 2.81 -12.46 -13.16
CA GLY A 355 1.55 -11.81 -13.49
C GLY A 355 1.17 -12.35 -14.85
N PHE A 356 0.55 -11.51 -15.67
CA PHE A 356 0.11 -11.94 -16.99
C PHE A 356 1.23 -11.80 -18.03
N SER A 357 2.27 -12.61 -17.83
CA SER A 357 3.48 -12.59 -18.68
C SER A 357 4.28 -13.89 -18.50
N ASP A 358 4.96 -14.31 -19.56
CA ASP A 358 5.87 -15.45 -19.49
C ASP A 358 6.90 -15.21 -18.39
N ASP A 359 7.69 -14.15 -18.60
CA ASP A 359 8.82 -13.80 -17.76
C ASP A 359 8.52 -13.87 -16.26
N GLY A 360 9.58 -13.85 -15.48
CA GLY A 360 9.49 -14.14 -14.06
C GLY A 360 10.68 -15.03 -13.75
N ASP A 361 11.42 -14.63 -12.73
CA ASP A 361 12.61 -15.34 -12.33
C ASP A 361 12.20 -16.62 -11.61
N TYR A 362 12.27 -17.75 -12.31
CA TYR A 362 11.90 -19.07 -11.77
C TYR A 362 13.08 -19.91 -11.27
N SER A 363 14.21 -19.25 -11.04
CA SER A 363 15.41 -19.93 -10.55
C SER A 363 15.26 -20.39 -9.10
N ASP A 364 16.06 -21.37 -8.72
CA ASP A 364 16.17 -21.77 -7.31
C ASP A 364 16.57 -20.58 -6.45
N LYS A 365 17.45 -19.73 -6.98
CA LYS A 365 17.90 -18.53 -6.29
C LYS A 365 16.72 -17.66 -5.87
N ASN A 366 15.81 -17.40 -6.81
CA ASN A 366 14.67 -16.54 -6.51
C ASN A 366 13.61 -17.21 -5.65
N MET A 367 13.43 -18.52 -5.84
CA MET A 367 12.49 -19.29 -5.01
C MET A 367 12.94 -19.24 -3.55
N ILE A 368 14.23 -19.34 -3.33
CA ILE A 368 14.77 -19.23 -1.98
C ILE A 368 14.61 -17.81 -1.42
N ALA A 369 14.88 -16.80 -2.24
CA ALA A 369 14.71 -15.41 -1.84
C ALA A 369 13.31 -15.14 -1.32
N ARG A 370 12.28 -15.64 -2.02
CA ARG A 370 10.89 -15.43 -1.60
C ARG A 370 10.48 -16.28 -0.39
N LEU A 371 10.87 -17.56 -0.39
CA LEU A 371 10.64 -18.42 0.75
C LEU A 371 11.20 -17.76 2.02
N ASN A 372 12.49 -17.41 1.98
CA ASN A 372 13.14 -16.80 3.13
C ASN A 372 12.63 -15.38 3.42
N GLY A 373 12.52 -14.56 2.39
CA GLY A 373 12.11 -13.19 2.54
C GLY A 373 10.67 -13.02 2.99
N GLU A 374 9.75 -13.65 2.27
CA GLU A 374 8.32 -13.38 2.47
C GLU A 374 7.67 -14.38 3.40
N LEU A 375 7.83 -15.67 3.13
CA LEU A 375 7.15 -16.69 3.92
C LEU A 375 7.78 -16.87 5.31
N ALA A 376 9.10 -16.89 5.38
CA ALA A 376 9.78 -17.12 6.65
C ALA A 376 9.92 -15.82 7.47
N ASP A 377 10.59 -14.82 6.90
CA ASP A 377 10.89 -13.57 7.63
C ASP A 377 9.71 -12.63 7.80
N THR A 378 8.78 -12.63 6.86
CA THR A 378 7.65 -11.73 6.99
C THR A 378 6.50 -12.42 7.71
N LEU A 379 5.96 -13.48 7.12
CA LEU A 379 4.81 -14.17 7.68
C LEU A 379 5.15 -15.01 8.92
N GLY A 380 6.05 -15.98 8.77
CA GLY A 380 6.32 -16.93 9.83
C GLY A 380 6.90 -16.28 11.07
N ASN A 381 7.89 -15.41 10.88
CA ASN A 381 8.47 -14.61 11.96
C ASN A 381 7.36 -13.99 12.82
N LEU A 382 6.37 -13.42 12.15
CA LEU A 382 5.30 -12.68 12.82
C LEU A 382 4.37 -13.58 13.60
N VAL A 383 4.15 -14.80 13.11
CA VAL A 383 3.27 -15.77 13.76
C VAL A 383 3.90 -16.29 15.04
N MET A 384 5.18 -16.62 14.97
CA MET A 384 5.93 -17.13 16.12
C MET A 384 6.03 -16.10 17.22
N ARG A 385 6.26 -14.86 16.83
CA ARG A 385 6.48 -13.77 17.78
C ARG A 385 5.21 -13.49 18.59
N CYS A 386 4.06 -13.43 17.92
CA CYS A 386 2.81 -13.11 18.61
C CYS A 386 2.19 -14.32 19.31
N THR A 387 2.79 -15.50 19.14
CA THR A 387 2.39 -16.69 19.87
C THR A 387 3.43 -17.13 20.91
N SER A 388 4.60 -16.51 20.93
CA SER A 388 5.70 -17.02 21.78
C SER A 388 5.35 -16.91 23.25
N ALA A 389 5.78 -17.92 24.02
CA ALA A 389 5.68 -17.89 25.48
C ALA A 389 6.30 -16.63 26.06
N LYS A 390 7.41 -16.19 25.48
CA LYS A 390 8.15 -15.05 25.98
C LYS A 390 7.34 -13.75 25.91
N ILE A 391 6.57 -13.58 24.84
CA ILE A 391 5.82 -12.33 24.62
C ILE A 391 4.36 -12.45 25.04
N ASN A 392 3.69 -13.50 24.57
CA ASN A 392 2.29 -13.77 24.91
C ASN A 392 2.29 -14.68 26.12
N VAL A 393 2.58 -14.11 27.28
CA VAL A 393 2.87 -14.90 28.48
C VAL A 393 1.71 -15.79 28.95
N ASN A 394 0.48 -15.39 28.66
CA ASN A 394 -0.69 -16.17 29.06
C ASN A 394 -1.25 -17.07 27.97
N GLY A 395 -0.60 -17.12 26.82
CA GLY A 395 -1.07 -17.93 25.70
C GLY A 395 -2.53 -17.72 25.40
N GLU A 396 -2.93 -16.46 25.24
CA GLU A 396 -4.31 -16.13 24.91
C GLU A 396 -4.39 -14.86 24.09
N TRP A 397 -5.57 -14.57 23.54
CA TRP A 397 -5.85 -13.28 22.92
C TRP A 397 -6.17 -12.28 24.03
N PRO A 398 -5.30 -11.28 24.24
CA PRO A 398 -5.62 -10.33 25.28
C PRO A 398 -6.74 -9.39 24.88
N SER A 399 -7.31 -8.72 25.88
CA SER A 399 -8.27 -7.67 25.65
C SER A 399 -7.52 -6.36 25.42
N PRO A 400 -7.80 -5.66 24.31
CA PRO A 400 -7.06 -4.42 24.06
C PRO A 400 -7.43 -3.31 25.02
N ALA A 401 -6.43 -2.56 25.46
CA ALA A 401 -6.63 -1.25 26.11
C ALA A 401 -6.85 -0.19 25.01
N ALA A 402 -6.79 1.08 25.36
CA ALA A 402 -7.06 2.15 24.39
C ALA A 402 -6.03 2.22 23.26
N TYR A 403 -6.51 2.58 22.07
CA TYR A 403 -5.70 2.59 20.86
C TYR A 403 -5.06 3.97 20.62
N THR A 404 -3.75 4.00 20.42
CA THR A 404 -3.07 5.21 19.94
C THR A 404 -3.37 5.44 18.46
N GLU A 405 -2.94 6.59 17.93
CA GLU A 405 -3.14 6.90 16.51
C GLU A 405 -2.36 5.95 15.61
N GLU A 406 -1.16 5.58 16.03
CA GLU A 406 -0.38 4.58 15.31
C GLU A 406 -1.10 3.22 15.29
N ASP A 407 -1.69 2.82 16.42
CA ASP A 407 -2.49 1.60 16.49
C ASP A 407 -3.60 1.62 15.47
N GLU A 408 -4.33 2.72 15.43
CA GLU A 408 -5.47 2.84 14.52
C GLU A 408 -5.08 2.91 13.06
N SER A 409 -3.90 3.46 12.74
CA SER A 409 -3.44 3.45 11.35
C SER A 409 -3.26 2.00 10.89
N LEU A 410 -2.74 1.14 11.76
CA LEU A 410 -2.59 -0.28 11.41
C LEU A 410 -3.95 -1.01 11.28
N ILE A 411 -4.84 -0.70 12.22
CA ILE A 411 -6.18 -1.29 12.25
C ILE A 411 -6.92 -0.96 10.95
N GLN A 412 -6.80 0.29 10.53
CA GLN A 412 -7.39 0.74 9.30
C GLN A 412 -6.89 -0.09 8.11
N LEU A 413 -5.58 -0.31 8.06
CA LEU A 413 -5.01 -1.11 6.97
C LEU A 413 -5.62 -2.52 6.95
N ILE A 414 -5.81 -3.09 8.14
CA ILE A 414 -6.36 -4.41 8.27
C ILE A 414 -7.84 -4.43 7.88
N LYS A 415 -8.58 -3.42 8.31
CA LYS A 415 -10.00 -3.32 7.99
C LYS A 415 -10.21 -3.20 6.49
N ASP A 416 -9.33 -2.47 5.81
CA ASP A 416 -9.51 -2.25 4.38
C ASP A 416 -9.07 -3.44 3.55
N LEU A 417 -8.17 -4.25 4.09
CA LEU A 417 -7.57 -5.33 3.33
C LEU A 417 -8.55 -6.30 2.66
N PRO A 418 -9.62 -6.72 3.37
CA PRO A 418 -10.50 -7.71 2.74
C PRO A 418 -11.17 -7.19 1.48
N GLY A 419 -11.61 -5.93 1.50
CA GLY A 419 -12.21 -5.31 0.33
C GLY A 419 -11.29 -5.26 -0.88
N THR A 420 -10.02 -4.97 -0.59
CA THR A 420 -9.00 -4.81 -1.60
C THR A 420 -8.60 -6.15 -2.17
N ALA A 421 -8.37 -7.14 -1.31
CA ALA A 421 -8.03 -8.48 -1.75
C ALA A 421 -9.19 -9.12 -2.51
N ASP A 422 -10.41 -8.89 -2.02
CA ASP A 422 -11.61 -9.36 -2.71
C ASP A 422 -11.63 -8.90 -4.15
N HIS A 423 -11.47 -7.60 -4.37
CA HIS A 423 -11.55 -7.10 -5.74
C HIS A 423 -10.50 -7.79 -6.61
N TYR A 424 -9.28 -7.91 -6.10
CA TYR A 424 -8.21 -8.53 -6.88
C TYR A 424 -8.54 -9.97 -7.24
N TYR A 425 -9.03 -10.74 -6.28
CA TYR A 425 -9.43 -12.12 -6.54
C TYR A 425 -10.51 -12.23 -7.60
N LEU A 426 -11.35 -11.20 -7.72
CA LEU A 426 -12.49 -11.24 -8.64
C LEU A 426 -12.16 -10.75 -10.04
N ILE A 427 -10.99 -10.15 -10.22
CA ILE A 427 -10.61 -9.69 -11.55
C ILE A 427 -10.57 -10.84 -12.57
N PRO A 428 -9.82 -11.93 -12.29
CA PRO A 428 -8.99 -12.25 -11.14
C PRO A 428 -7.50 -11.98 -11.37
N ASP A 429 -6.86 -11.42 -10.36
CA ASP A 429 -5.45 -11.09 -10.41
C ASP A 429 -4.88 -11.52 -9.07
N ILE A 430 -4.53 -12.79 -9.00
CA ILE A 430 -4.09 -13.42 -7.77
C ILE A 430 -2.77 -12.84 -7.27
N GLN A 431 -1.88 -12.49 -8.19
CA GLN A 431 -0.63 -11.83 -7.83
C GLN A 431 -0.91 -10.55 -7.03
N LYS A 432 -1.82 -9.72 -7.52
CA LYS A 432 -2.09 -8.44 -6.87
C LYS A 432 -2.71 -8.62 -5.50
N ALA A 433 -3.46 -9.70 -5.31
CA ALA A 433 -4.06 -10.02 -4.02
C ALA A 433 -3.00 -10.44 -2.99
N ILE A 434 -2.05 -11.26 -3.43
CA ILE A 434 -0.96 -11.67 -2.55
C ILE A 434 -0.13 -10.43 -2.17
N ILE A 435 0.13 -9.55 -3.14
CA ILE A 435 0.95 -8.39 -2.86
C ILE A 435 0.22 -7.52 -1.85
N ALA A 436 -1.09 -7.35 -2.00
CA ALA A 436 -1.85 -6.55 -1.04
C ALA A 436 -1.73 -7.10 0.39
N VAL A 437 -1.92 -8.41 0.55
CA VAL A 437 -1.90 -9.02 1.86
C VAL A 437 -0.52 -8.83 2.50
N PHE A 438 0.52 -9.04 1.70
CA PHE A 438 1.87 -8.90 2.23
C PHE A 438 2.28 -7.46 2.51
N ASP A 439 1.70 -6.48 1.80
CA ASP A 439 1.93 -5.08 2.15
C ASP A 439 1.46 -4.87 3.59
N VAL A 440 0.31 -5.46 3.93
CA VAL A 440 -0.27 -5.33 5.26
C VAL A 440 0.56 -6.09 6.29
N LEU A 441 1.10 -7.24 5.92
CA LEU A 441 2.01 -8.00 6.80
C LEU A 441 3.29 -7.24 7.08
N ARG A 442 3.84 -6.58 6.06
CA ARG A 442 5.05 -5.77 6.24
C ARG A 442 4.75 -4.65 7.26
N ALA A 443 3.60 -3.99 7.10
CA ALA A 443 3.19 -2.97 8.06
C ALA A 443 3.09 -3.51 9.50
N ILE A 444 2.49 -4.69 9.64
CA ILE A 444 2.32 -5.28 10.96
C ILE A 444 3.69 -5.50 11.57
N ASN A 445 4.63 -5.99 10.78
CA ASN A 445 6.00 -6.20 11.27
C ASN A 445 6.63 -4.91 11.76
N ALA A 446 6.50 -3.85 10.97
CA ALA A 446 7.14 -2.60 11.27
C ALA A 446 6.53 -1.99 12.53
N TYR A 447 5.24 -2.22 12.71
CA TYR A 447 4.57 -1.83 13.95
C TYR A 447 5.17 -2.57 15.15
N VAL A 448 5.38 -3.87 14.99
CA VAL A 448 5.91 -4.69 16.06
C VAL A 448 7.34 -4.27 16.38
N THR A 449 8.15 -4.08 15.34
CA THR A 449 9.51 -3.55 15.53
C THR A 449 9.45 -2.28 16.36
N ASP A 450 8.50 -1.42 15.98
CA ASP A 450 8.30 -0.12 16.57
C ASP A 450 7.92 -0.20 18.04
N MET A 451 6.96 -1.05 18.35
CA MET A 451 6.46 -1.17 19.72
C MET A 451 7.32 -2.02 20.66
N ALA A 452 8.18 -2.87 20.09
CA ALA A 452 9.07 -3.73 20.86
C ALA A 452 8.35 -4.47 22.01
N PRO A 453 7.31 -5.25 21.68
CA PRO A 453 6.47 -5.90 22.69
C PRO A 453 7.23 -6.76 23.68
N TRP A 454 8.38 -7.31 23.26
CA TRP A 454 9.27 -8.02 24.17
C TRP A 454 9.69 -7.11 25.34
N LYS A 455 10.02 -5.84 25.05
CA LYS A 455 10.32 -4.86 26.09
C LYS A 455 9.11 -4.54 26.97
N LEU A 456 7.92 -4.56 26.36
CA LEU A 456 6.70 -4.20 27.06
C LEU A 456 6.29 -5.22 28.13
N VAL A 457 6.69 -6.48 27.98
CA VAL A 457 6.31 -7.53 28.96
C VAL A 457 6.71 -7.12 30.36
N LYS A 458 7.92 -6.56 30.46
CA LYS A 458 8.44 -6.04 31.73
C LYS A 458 7.88 -4.66 32.08
N THR A 459 7.85 -3.76 31.11
CA THR A 459 7.68 -2.33 31.36
C THR A 459 6.22 -1.86 31.39
N ASP A 460 5.42 -2.31 30.44
CA ASP A 460 4.02 -1.90 30.37
C ASP A 460 3.15 -3.07 29.90
N PRO A 461 2.71 -3.92 30.84
CA PRO A 461 1.89 -5.07 30.48
C PRO A 461 0.58 -4.65 29.84
N GLU A 462 0.04 -3.51 30.27
CA GLU A 462 -1.22 -3.01 29.75
C GLU A 462 -1.09 -2.55 28.30
N ARG A 463 0.00 -1.84 27.99
CA ARG A 463 0.29 -1.50 26.60
C ARG A 463 0.49 -2.76 25.74
N LEU A 464 1.14 -3.77 26.30
CA LEU A 464 1.37 -5.02 25.57
C LEU A 464 0.08 -5.67 25.12
N ARG A 465 -0.93 -5.67 25.97
CA ARG A 465 -2.22 -6.25 25.61
C ARG A 465 -2.66 -5.72 24.26
N THR A 466 -2.70 -4.40 24.13
CA THR A 466 -3.17 -3.72 22.92
C THR A 466 -2.37 -4.09 21.67
N VAL A 467 -1.05 -3.93 21.76
CA VAL A 467 -0.12 -4.29 20.70
C VAL A 467 -0.32 -5.75 20.27
N LEU A 468 -0.38 -6.63 21.25
CA LEU A 468 -0.50 -8.07 21.00
C LEU A 468 -1.82 -8.43 20.34
N TYR A 469 -2.89 -7.79 20.79
CA TYR A 469 -4.20 -8.05 20.22
C TYR A 469 -4.29 -7.64 18.75
N ILE A 470 -3.75 -6.46 18.41
CA ILE A 470 -3.77 -5.97 17.03
C ILE A 470 -2.96 -6.88 16.14
N THR A 471 -1.81 -7.31 16.65
CA THR A 471 -0.94 -8.19 15.89
C THR A 471 -1.60 -9.54 15.57
N LEU A 472 -2.22 -10.14 16.59
CA LEU A 472 -2.91 -11.42 16.42
C LEU A 472 -4.00 -11.33 15.37
N GLU A 473 -4.76 -10.23 15.44
CA GLU A 473 -5.89 -10.04 14.55
C GLU A 473 -5.40 -9.70 13.15
N GLY A 474 -4.27 -9.01 13.04
CA GLY A 474 -3.66 -8.76 11.75
C GLY A 474 -3.21 -10.05 11.10
N VAL A 475 -2.61 -10.93 11.90
CA VAL A 475 -2.14 -12.22 11.41
C VAL A 475 -3.30 -13.14 11.04
N ARG A 476 -4.39 -13.07 11.79
CA ARG A 476 -5.56 -13.87 11.47
C ARG A 476 -6.19 -13.45 10.15
N VAL A 477 -6.39 -12.15 9.97
CA VAL A 477 -7.09 -11.66 8.78
C VAL A 477 -6.24 -11.90 7.53
N THR A 478 -4.94 -11.63 7.60
CA THR A 478 -4.04 -11.81 6.46
C THR A 478 -4.01 -13.27 6.09
N THR A 479 -3.89 -14.13 7.11
CA THR A 479 -3.86 -15.58 6.93
C THR A 479 -5.15 -16.10 6.28
N LEU A 480 -6.29 -15.58 6.71
CA LEU A 480 -7.54 -15.99 6.11
C LEU A 480 -7.54 -15.68 4.62
N LEU A 481 -7.09 -14.50 4.26
CA LEU A 481 -7.07 -14.09 2.86
C LEU A 481 -6.01 -14.81 2.06
N LEU A 482 -4.96 -15.29 2.73
CA LEU A 482 -3.95 -16.14 2.10
C LEU A 482 -4.32 -17.62 2.08
N SER A 483 -5.44 -18.01 2.70
CA SER A 483 -5.74 -19.42 2.86
C SER A 483 -5.99 -20.15 1.52
N PRO A 484 -6.52 -19.45 0.49
CA PRO A 484 -6.56 -20.06 -0.85
C PRO A 484 -5.18 -20.34 -1.47
N ILE A 485 -4.14 -19.62 -1.05
CA ILE A 485 -2.80 -19.76 -1.58
C ILE A 485 -1.95 -20.67 -0.71
N LEU A 486 -2.19 -20.65 0.60
CA LEU A 486 -1.46 -21.50 1.51
C LEU A 486 -2.48 -22.34 2.29
N PRO A 487 -3.14 -23.28 1.60
CA PRO A 487 -4.26 -24.01 2.21
C PRO A 487 -3.90 -24.87 3.43
N ARG A 488 -2.71 -25.49 3.42
CA ARG A 488 -2.29 -26.32 4.54
C ARG A 488 -1.72 -25.49 5.67
N LYS A 489 -0.92 -24.49 5.31
CA LYS A 489 -0.24 -23.64 6.29
C LYS A 489 -1.20 -22.72 7.02
N SER A 490 -2.21 -22.22 6.32
CA SER A 490 -3.25 -21.42 6.97
C SER A 490 -3.87 -22.20 8.13
N VAL A 491 -4.05 -23.52 7.95
CA VAL A 491 -4.60 -24.36 9.01
C VAL A 491 -3.64 -24.45 10.20
N VAL A 492 -2.36 -24.59 9.92
CA VAL A 492 -1.35 -24.64 10.96
C VAL A 492 -1.31 -23.32 11.72
N ILE A 493 -1.42 -22.22 11.00
CA ILE A 493 -1.41 -20.88 11.61
C ILE A 493 -2.63 -20.68 12.49
N PHE A 494 -3.80 -21.00 11.95
CA PHE A 494 -5.03 -20.89 12.72
C PHE A 494 -4.99 -21.77 13.98
N ASP A 495 -4.41 -22.97 13.89
CA ASP A 495 -4.27 -23.85 15.06
C ASP A 495 -3.39 -23.23 16.14
N MET A 496 -2.29 -22.60 15.72
CA MET A 496 -1.36 -21.93 16.63
C MET A 496 -2.02 -20.74 17.34
N LEU A 497 -2.81 -19.98 16.59
CA LEU A 497 -3.57 -18.88 17.14
C LEU A 497 -4.80 -19.35 17.89
N GLY A 498 -5.13 -20.64 17.76
CA GLY A 498 -6.29 -21.21 18.42
C GLY A 498 -7.60 -20.64 17.90
N VAL A 499 -7.66 -20.37 16.61
CA VAL A 499 -8.86 -19.83 15.98
C VAL A 499 -9.90 -20.94 15.82
N PRO A 500 -11.10 -20.76 16.38
CA PRO A 500 -12.14 -21.78 16.19
C PRO A 500 -12.48 -21.99 14.72
N GLU A 501 -12.90 -23.22 14.35
CA GLU A 501 -13.19 -23.60 12.95
C GLU A 501 -14.14 -22.63 12.28
N VAL A 502 -15.21 -22.29 13.00
CA VAL A 502 -16.24 -21.38 12.52
C VAL A 502 -15.68 -20.05 12.02
N HIS A 503 -14.59 -19.57 12.63
CA HIS A 503 -14.00 -18.29 12.26
C HIS A 503 -12.97 -18.42 11.16
N ARG A 504 -12.77 -19.63 10.63
CA ARG A 504 -11.81 -19.85 9.54
C ARG A 504 -12.40 -19.68 8.13
N LYS A 505 -13.66 -19.27 8.03
CA LYS A 505 -14.25 -18.93 6.74
C LYS A 505 -15.48 -18.05 6.90
N GLY A 506 -15.97 -17.54 5.78
CA GLY A 506 -17.16 -16.72 5.78
C GLY A 506 -16.80 -15.25 5.81
N ILE A 507 -17.57 -14.43 5.07
CA ILE A 507 -17.35 -12.98 4.97
C ILE A 507 -17.58 -12.31 6.31
N GLU A 508 -18.32 -12.97 7.19
CA GLU A 508 -18.47 -12.51 8.57
C GLU A 508 -17.12 -12.33 9.24
N ASN A 509 -16.20 -13.24 8.92
CA ASN A 509 -14.89 -13.30 9.57
C ASN A 509 -13.78 -12.52 8.84
N PHE A 510 -14.18 -11.74 7.83
CA PHE A 510 -13.33 -10.71 7.24
C PHE A 510 -13.27 -9.46 8.11
N GLU A 511 -14.18 -9.35 9.07
CA GLU A 511 -14.29 -8.17 9.92
C GLU A 511 -13.27 -8.23 11.05
N PHE A 512 -12.75 -7.06 11.41
CA PHE A 512 -11.76 -6.91 12.46
C PHE A 512 -12.40 -7.18 13.80
N GLY A 513 -11.83 -8.10 14.55
CA GLY A 513 -12.32 -8.43 15.90
C GLY A 513 -13.30 -9.58 15.98
N ALA A 514 -13.30 -10.45 14.97
CA ALA A 514 -14.23 -11.59 14.94
C ALA A 514 -13.92 -12.61 16.02
N VAL A 515 -12.65 -12.74 16.39
CA VAL A 515 -12.23 -13.64 17.46
C VAL A 515 -12.16 -12.86 18.77
N PRO A 516 -12.95 -13.26 19.76
CA PRO A 516 -13.00 -12.50 20.99
C PRO A 516 -11.78 -12.71 21.93
N PRO A 517 -11.41 -11.66 22.68
CA PRO A 517 -10.40 -11.80 23.73
C PRO A 517 -10.75 -12.91 24.70
N GLY A 518 -9.71 -13.62 25.16
CA GLY A 518 -9.89 -14.76 26.02
C GLY A 518 -9.68 -16.06 25.29
N THR A 519 -9.80 -16.05 23.97
CA THR A 519 -9.49 -17.22 23.15
C THR A 519 -8.08 -17.70 23.44
N ARG A 520 -7.92 -19.01 23.58
CA ARG A 520 -6.67 -19.61 24.01
C ARG A 520 -5.87 -20.06 22.80
N LEU A 521 -4.56 -19.84 22.82
CA LEU A 521 -3.69 -20.30 21.74
C LEU A 521 -3.61 -21.83 21.75
N GLY A 522 -3.23 -22.40 20.61
CA GLY A 522 -3.03 -23.83 20.52
C GLY A 522 -1.74 -24.22 21.22
N PRO A 523 -1.56 -25.52 21.50
CA PRO A 523 -0.32 -25.96 22.14
C PRO A 523 0.87 -25.83 21.19
N ALA A 524 2.07 -25.77 21.75
CA ALA A 524 3.30 -25.65 20.96
C ALA A 524 3.92 -27.02 20.75
N VAL A 525 5.07 -27.06 20.07
CA VAL A 525 5.87 -28.29 19.93
C VAL A 525 7.37 -27.97 20.07
N GLU A 526 8.08 -28.81 20.83
CA GLU A 526 9.50 -28.58 21.19
C GLU A 526 10.31 -27.79 20.15
N GLY A 527 10.42 -28.35 18.94
CA GLY A 527 10.96 -27.64 17.79
C GLY A 527 9.85 -27.52 16.78
N GLU A 528 9.65 -26.31 16.24
CA GLU A 528 8.48 -26.06 15.40
C GLU A 528 8.66 -24.80 14.54
N VAL A 529 8.72 -25.00 13.22
CA VAL A 529 8.87 -23.89 12.28
C VAL A 529 7.82 -24.03 11.17
N LEU A 530 7.18 -22.91 10.81
CA LEU A 530 6.21 -22.86 9.72
C LEU A 530 6.88 -23.04 8.36
N PHE A 531 7.84 -22.15 8.08
CA PHE A 531 8.67 -22.25 6.90
C PHE A 531 10.11 -22.18 7.38
N SER A 532 10.89 -23.24 7.16
CA SER A 532 12.29 -23.23 7.54
C SER A 532 13.12 -22.69 6.38
N LYS A 533 14.12 -21.87 6.68
CA LYS A 533 14.90 -21.21 5.65
C LYS A 533 15.80 -22.19 4.90
N ARG A 534 16.22 -21.80 3.69
CA ARG A 534 17.15 -22.60 2.89
C ARG A 534 18.51 -21.93 2.72
N SER A 535 19.55 -22.74 2.55
CA SER A 535 20.92 -22.25 2.40
C SER A 535 21.18 -21.70 0.99
N THR A 536 22.39 -21.16 0.79
CA THR A 536 22.90 -20.80 -0.55
C THR A 536 24.41 -20.54 -0.50
N GLY B 1 -11.85 2.97 4.54
CA GLY B 1 -12.86 3.38 5.57
C GLY B 1 -12.75 4.86 5.88
N PRO B 2 -13.75 5.42 6.59
CA PRO B 2 -13.68 6.84 6.94
C PRO B 2 -12.54 7.15 7.89
N GLY B 3 -12.01 8.37 7.80
CA GLY B 3 -11.00 8.84 8.74
C GLY B 3 -11.67 9.51 9.92
N SER B 4 -10.87 10.19 10.74
CA SER B 4 -11.36 10.82 11.94
C SER B 4 -12.11 12.09 11.55
N MET B 5 -13.13 12.44 12.33
CA MET B 5 -13.88 13.65 12.05
C MET B 5 -13.06 14.85 12.47
N LYS B 6 -13.58 16.04 12.17
CA LYS B 6 -12.88 17.26 12.52
C LYS B 6 -12.89 17.44 14.03
N VAL B 7 -11.79 17.98 14.55
CA VAL B 7 -11.78 18.44 15.93
C VAL B 7 -12.75 19.61 16.08
N GLU B 8 -13.19 19.82 17.31
CA GLU B 8 -14.12 20.88 17.63
C GLU B 8 -13.40 22.20 17.95
N LYS B 9 -12.26 22.11 18.62
CA LYS B 9 -11.47 23.28 19.00
C LYS B 9 -10.75 23.83 17.79
N VAL B 10 -10.00 24.91 17.97
CA VAL B 10 -9.03 25.35 16.97
C VAL B 10 -7.77 24.50 17.10
N PHE B 11 -7.36 23.87 16.00
CA PHE B 11 -6.21 22.98 15.99
C PHE B 11 -4.95 23.82 16.10
N PHE B 12 -4.15 23.51 17.12
CA PHE B 12 -3.05 24.36 17.52
C PHE B 12 -1.77 23.52 17.35
N VAL B 13 -0.95 23.95 16.39
CA VAL B 13 0.30 23.30 16.07
C VAL B 13 1.44 24.31 16.12
N THR B 14 2.55 23.90 16.73
CA THR B 14 3.63 24.83 17.04
C THR B 14 4.95 24.32 16.50
N SER B 15 5.87 25.24 16.29
CA SER B 15 7.28 24.89 16.15
C SER B 15 7.96 25.38 17.40
N PRO B 16 9.24 25.02 17.59
CA PRO B 16 9.94 25.65 18.67
C PRO B 16 10.21 27.08 18.27
N ILE B 17 10.53 27.92 19.25
CA ILE B 17 10.99 29.27 18.94
C ILE B 17 12.50 29.19 18.91
N TYR B 18 13.10 29.94 18.00
CA TYR B 18 14.49 29.73 17.62
C TYR B 18 15.43 30.80 18.17
N TYR B 19 16.66 30.39 18.51
CA TYR B 19 17.56 31.29 19.24
C TYR B 19 18.27 32.25 18.31
N VAL B 20 18.14 33.54 18.60
CA VAL B 20 18.62 34.58 17.67
C VAL B 20 20.13 34.86 17.68
N ASN B 21 20.95 33.98 18.26
CA ASN B 21 22.40 34.12 18.13
C ASN B 21 22.97 33.38 16.91
N ALA B 22 22.10 33.00 15.98
CA ALA B 22 22.51 32.40 14.72
C ALA B 22 21.48 32.79 13.65
N ALA B 23 21.94 32.89 12.42
CA ALA B 23 21.07 33.16 11.29
C ALA B 23 20.22 31.92 11.02
N PRO B 24 19.07 32.09 10.35
CA PRO B 24 18.25 30.94 10.01
C PRO B 24 19.04 29.90 9.21
N HIS B 25 18.78 28.62 9.47
CA HIS B 25 19.45 27.53 8.77
C HIS B 25 18.46 26.36 8.58
N ILE B 26 18.96 25.27 8.00
CA ILE B 26 18.13 24.11 7.64
C ILE B 26 17.36 23.50 8.82
N GLY B 27 18.01 23.41 9.97
CA GLY B 27 17.33 23.00 11.20
C GLY B 27 16.01 23.71 11.45
N HIS B 28 16.05 25.04 11.50
CA HIS B 28 14.86 25.85 11.75
C HIS B 28 13.86 25.71 10.61
N VAL B 29 14.38 25.69 9.39
CA VAL B 29 13.54 25.58 8.20
C VAL B 29 12.78 24.27 8.22
N TYR B 30 13.44 23.20 8.67
CA TYR B 30 12.86 21.87 8.70
C TYR B 30 11.79 21.74 9.79
N SER B 31 12.08 22.23 10.98
CA SER B 31 11.10 22.15 12.07
C SER B 31 9.86 22.90 11.67
N THR B 32 10.03 24.11 11.19
CA THR B 32 8.90 24.94 10.79
C THR B 32 8.15 24.36 9.59
N LEU B 33 8.84 23.60 8.73
CA LEU B 33 8.18 22.94 7.58
C LEU B 33 7.11 21.92 8.03
N ILE B 34 7.47 21.14 9.03
CA ILE B 34 6.60 20.11 9.57
C ILE B 34 5.40 20.75 10.27
N THR B 35 5.67 21.83 11.00
CA THR B 35 4.60 22.61 11.59
C THR B 35 3.65 23.09 10.49
N ASP B 36 4.23 23.63 9.43
CA ASP B 36 3.45 24.21 8.38
C ASP B 36 2.59 23.15 7.69
N VAL B 37 3.18 21.98 7.46
CA VAL B 37 2.50 20.91 6.75
C VAL B 37 1.28 20.39 7.53
N ILE B 38 1.46 20.26 8.84
CA ILE B 38 0.41 19.76 9.68
C ILE B 38 -0.72 20.77 9.71
N GLY B 39 -0.35 22.03 9.84
CA GLY B 39 -1.33 23.09 9.82
C GLY B 39 -2.11 23.07 8.52
N ARG B 40 -1.37 22.94 7.41
CA ARG B 40 -1.99 22.93 6.12
C ARG B 40 -2.97 21.76 5.99
N TYR B 41 -2.59 20.58 6.51
CA TYR B 41 -3.47 19.43 6.36
C TYR B 41 -4.79 19.65 7.08
N HIS B 42 -4.73 20.21 8.27
CA HIS B 42 -5.93 20.39 9.05
C HIS B 42 -6.79 21.51 8.48
N ARG B 43 -6.15 22.50 7.88
CA ARG B 43 -6.86 23.54 7.16
C ARG B 43 -7.58 22.94 5.95
N VAL B 44 -6.91 22.04 5.24
CA VAL B 44 -7.52 21.37 4.09
C VAL B 44 -8.66 20.43 4.52
N LYS B 45 -8.54 19.87 5.72
CA LYS B 45 -9.59 19.02 6.28
C LYS B 45 -10.84 19.84 6.61
N GLY B 46 -10.69 21.14 6.80
CA GLY B 46 -11.79 22.05 7.08
C GLY B 46 -11.86 22.47 8.54
N GLU B 47 -10.76 22.32 9.26
CA GLU B 47 -10.69 22.75 10.64
C GLU B 47 -10.16 24.17 10.73
N ARG B 48 -10.58 24.88 11.77
CA ARG B 48 -9.92 26.11 12.16
C ARG B 48 -8.53 25.73 12.64
N VAL B 49 -7.51 26.46 12.18
CA VAL B 49 -6.13 26.16 12.54
C VAL B 49 -5.40 27.41 13.02
N PHE B 50 -4.50 27.20 13.99
CA PHE B 50 -3.57 28.22 14.42
C PHE B 50 -2.16 27.62 14.52
N ALA B 51 -1.30 27.97 13.59
CA ALA B 51 0.08 27.51 13.59
C ALA B 51 0.99 28.65 14.02
N LEU B 52 1.96 28.32 14.87
CA LEU B 52 2.79 29.30 15.56
C LEU B 52 4.25 28.93 15.44
N THR B 53 5.09 29.93 15.20
CA THR B 53 6.55 29.76 15.24
C THR B 53 7.12 31.03 15.85
N GLY B 54 8.44 31.13 16.03
CA GLY B 54 9.00 32.37 16.59
C GLY B 54 10.43 32.35 17.07
N THR B 55 10.81 33.38 17.82
CA THR B 55 12.18 33.57 18.24
C THR B 55 12.32 33.72 19.75
N ASP B 56 13.35 33.08 20.29
CA ASP B 56 13.78 33.11 21.69
C ASP B 56 14.87 34.19 21.73
N GLU B 57 14.60 35.32 22.36
CA GLU B 57 15.45 36.51 22.22
C GLU B 57 16.24 36.96 23.47
N HIS B 58 16.02 36.33 24.62
CA HIS B 58 16.69 36.76 25.85
C HIS B 58 17.95 35.94 26.14
N GLY B 59 18.70 36.34 27.15
CA GLY B 59 19.86 35.55 27.61
C GLY B 59 21.21 36.18 27.43
N GLN B 60 22.20 35.66 28.14
CA GLN B 60 23.54 36.25 28.12
C GLN B 60 24.20 36.19 26.73
N LYS B 61 23.89 35.15 25.95
CA LYS B 61 24.56 34.94 24.66
C LYS B 61 24.07 35.90 23.58
N VAL B 62 22.79 36.25 23.63
CA VAL B 62 22.28 37.25 22.73
C VAL B 62 22.91 38.59 23.09
N ALA B 63 22.90 38.94 24.37
CA ALA B 63 23.52 40.18 24.82
C ALA B 63 24.98 40.25 24.39
N GLU B 64 25.68 39.12 24.46
CA GLU B 64 27.09 39.07 24.10
C GLU B 64 27.27 39.27 22.59
N ALA B 65 26.39 38.65 21.80
CA ALA B 65 26.42 38.82 20.34
C ALA B 65 26.20 40.29 19.96
N ALA B 66 25.20 40.91 20.58
CA ALA B 66 24.90 42.33 20.39
C ALA B 66 26.09 43.22 20.69
N LYS B 67 26.75 42.95 21.81
CA LYS B 67 27.92 43.70 22.22
C LYS B 67 29.03 43.59 21.17
N GLN B 68 29.27 42.39 20.65
CA GLN B 68 30.30 42.18 19.61
C GLN B 68 29.97 42.97 18.35
N LYS B 69 28.70 42.99 17.95
CA LYS B 69 28.26 43.77 16.78
C LYS B 69 28.14 45.26 17.07
N GLN B 70 28.34 45.66 18.33
CA GLN B 70 28.27 47.06 18.76
C GLN B 70 26.90 47.70 18.53
N VAL B 71 25.84 46.92 18.74
CA VAL B 71 24.48 47.40 18.62
C VAL B 71 23.71 47.08 19.89
N SER B 72 22.59 47.77 20.07
CA SER B 72 21.69 47.49 21.18
C SER B 72 21.16 46.06 21.07
N PRO B 73 20.98 45.36 22.21
CA PRO B 73 20.32 44.06 22.14
C PRO B 73 18.89 44.12 21.58
N TYR B 74 18.19 45.23 21.80
CA TYR B 74 16.84 45.40 21.23
C TYR B 74 16.93 45.50 19.71
N ASP B 75 17.93 46.21 19.21
CA ASP B 75 18.14 46.33 17.77
C ASP B 75 18.63 45.02 17.16
N PHE B 76 19.56 44.36 17.84
CA PHE B 76 20.11 43.11 17.36
C PHE B 76 19.00 42.07 17.21
N THR B 77 18.18 41.92 18.25
CA THR B 77 17.12 40.91 18.23
C THR B 77 16.04 41.22 17.21
N THR B 78 15.70 42.50 17.04
CA THR B 78 14.70 42.88 16.04
C THR B 78 15.18 42.54 14.63
N ALA B 79 16.45 42.83 14.36
CA ALA B 79 17.05 42.54 13.07
C ALA B 79 17.06 41.05 12.75
N VAL B 80 17.47 40.23 13.71
CA VAL B 80 17.60 38.80 13.49
C VAL B 80 16.22 38.17 13.39
N ALA B 81 15.29 38.61 14.22
CA ALA B 81 13.91 38.16 14.11
C ALA B 81 13.42 38.41 12.68
N GLY B 82 13.73 39.59 12.15
CA GLY B 82 13.41 39.96 10.79
C GLY B 82 13.97 38.99 9.76
N GLU B 83 15.21 38.55 9.97
CA GLU B 83 15.80 37.53 9.09
C GLU B 83 15.00 36.23 9.10
N PHE B 84 14.60 35.79 10.29
CA PHE B 84 13.81 34.57 10.40
C PHE B 84 12.46 34.76 9.70
N LYS B 85 11.82 35.92 9.91
CA LYS B 85 10.54 36.20 9.28
C LYS B 85 10.64 36.15 7.76
N LYS B 86 11.71 36.75 7.25
CA LYS B 86 11.96 36.81 5.81
C LYS B 86 12.18 35.41 5.24
N CYS B 87 12.92 34.58 6.00
CA CYS B 87 13.20 33.19 5.60
C CYS B 87 11.93 32.38 5.38
N PHE B 88 10.98 32.54 6.27
CA PHE B 88 9.77 31.73 6.24
C PHE B 88 8.78 32.25 5.20
N GLU B 89 8.91 33.51 4.81
CA GLU B 89 8.18 34.04 3.65
C GLU B 89 8.80 33.49 2.38
N GLN B 90 10.13 33.50 2.30
CA GLN B 90 10.82 32.96 1.14
C GLN B 90 10.48 31.48 0.94
N MET B 91 10.44 30.74 2.05
CA MET B 91 10.09 29.33 2.02
C MET B 91 8.61 29.04 1.74
N ASP B 92 7.77 30.07 1.77
CA ASP B 92 6.36 29.95 1.40
C ASP B 92 5.58 29.12 2.41
N TYR B 93 5.77 29.42 3.68
CA TYR B 93 5.00 28.82 4.74
C TYR B 93 3.71 29.60 4.97
N SER B 94 2.80 29.03 5.74
CA SER B 94 1.54 29.68 6.05
C SER B 94 1.30 29.61 7.56
N ILE B 95 2.30 30.08 8.31
CA ILE B 95 2.26 30.17 9.75
C ILE B 95 1.42 31.39 10.16
N ASP B 96 0.52 31.21 11.12
CA ASP B 96 -0.46 32.25 11.46
C ASP B 96 0.12 33.36 12.33
N TYR B 97 1.11 33.03 13.18
CA TYR B 97 1.72 34.03 14.03
C TYR B 97 3.18 33.74 14.32
N PHE B 98 3.97 34.81 14.34
CA PHE B 98 5.37 34.76 14.66
C PHE B 98 5.54 35.49 16.00
N ILE B 99 5.81 34.72 17.06
CA ILE B 99 5.92 35.28 18.41
C ILE B 99 7.35 35.62 18.71
N ARG B 100 7.59 36.71 19.44
CA ARG B 100 8.94 37.05 19.91
C ARG B 100 8.94 37.22 21.43
N THR B 101 9.89 36.59 22.12
CA THR B 101 9.90 36.62 23.58
C THR B 101 10.16 38.01 24.19
N THR B 102 10.59 38.98 23.38
CA THR B 102 10.69 40.38 23.83
C THR B 102 9.33 41.09 23.86
N ASN B 103 8.28 40.43 23.35
CA ASN B 103 6.95 41.01 23.30
C ASN B 103 6.35 41.14 24.70
N GLU B 104 5.69 42.27 24.95
CA GLU B 104 5.19 42.59 26.28
C GLU B 104 4.11 41.62 26.77
N GLN B 105 3.28 41.14 25.84
CA GLN B 105 2.21 40.22 26.19
C GLN B 105 2.81 38.90 26.65
N HIS B 106 3.85 38.47 25.97
CA HIS B 106 4.58 37.28 26.41
C HIS B 106 5.11 37.44 27.85
N LYS B 107 5.67 38.62 28.14
CA LYS B 107 6.21 38.85 29.46
C LYS B 107 5.10 38.83 30.50
N ALA B 108 3.95 39.41 30.17
CA ALA B 108 2.79 39.35 31.04
C ALA B 108 2.44 37.91 31.38
N VAL B 109 2.37 37.07 30.34
CA VAL B 109 2.01 35.66 30.52
C VAL B 109 3.06 34.93 31.37
N VAL B 110 4.34 35.16 31.09
CA VAL B 110 5.42 34.56 31.88
C VAL B 110 5.30 34.92 33.36
N LYS B 111 4.99 36.18 33.65
CA LYS B 111 4.82 36.64 35.04
C LYS B 111 3.66 35.94 35.73
N GLU B 112 2.53 35.84 35.01
CA GLU B 112 1.35 35.14 35.50
C GLU B 112 1.62 33.70 35.82
N LEU B 113 2.28 32.99 34.89
CA LEU B 113 2.57 31.60 35.11
C LEU B 113 3.57 31.43 36.26
N TRP B 114 4.63 32.25 36.25
CA TRP B 114 5.57 32.24 37.35
C TRP B 114 4.83 32.39 38.69
N THR B 115 3.98 33.41 38.74
CA THR B 115 3.28 33.76 39.98
C THR B 115 2.39 32.62 40.44
N LYS B 116 1.70 31.98 39.49
CA LYS B 116 0.83 30.87 39.82
C LYS B 116 1.62 29.73 40.45
N LEU B 117 2.69 29.32 39.78
CA LEU B 117 3.58 28.29 40.30
C LEU B 117 4.16 28.62 41.67
N GLU B 118 4.50 29.89 41.89
CA GLU B 118 5.11 30.31 43.16
C GLU B 118 4.06 30.26 44.26
N GLN B 119 2.84 30.65 43.93
CA GLN B 119 1.75 30.58 44.89
C GLN B 119 1.32 29.16 45.24
N LYS B 120 1.40 28.23 44.29
CA LYS B 120 1.12 26.80 44.57
C LYS B 120 2.20 26.16 45.46
N GLY B 121 3.33 26.87 45.66
CA GLY B 121 4.45 26.36 46.43
C GLY B 121 5.41 25.50 45.62
N ASP B 122 5.32 25.58 44.28
CA ASP B 122 6.15 24.75 43.41
C ASP B 122 7.43 25.46 42.97
N ILE B 123 7.46 26.79 43.13
CA ILE B 123 8.70 27.57 43.06
C ILE B 123 9.03 28.12 44.47
N TYR B 124 10.27 27.91 44.93
CA TYR B 124 10.72 28.51 46.20
C TYR B 124 12.08 29.21 46.09
N LEU B 125 12.34 30.13 47.02
CA LEU B 125 13.60 30.86 47.07
C LEU B 125 14.54 30.24 48.11
N GLY B 126 15.77 29.94 47.69
CA GLY B 126 16.75 29.33 48.57
C GLY B 126 18.14 29.85 48.28
N ARG B 127 19.04 29.73 49.25
CA ARG B 127 20.42 30.13 49.04
C ARG B 127 21.19 28.94 48.49
N TYR B 128 21.71 29.08 47.29
CA TYR B 128 22.57 28.06 46.72
C TYR B 128 24.03 28.36 47.03
N GLU B 129 24.74 27.37 47.57
CA GLU B 129 26.19 27.44 47.76
C GLU B 129 26.84 26.25 47.04
N GLY B 130 27.76 26.56 46.12
CA GLY B 130 28.41 25.52 45.33
C GLY B 130 29.01 26.01 44.04
N TRP B 131 29.30 25.07 43.15
CA TRP B 131 29.95 25.39 41.88
C TRP B 131 28.93 25.79 40.82
N TYR B 132 29.39 26.63 39.88
CA TYR B 132 28.60 27.11 38.76
C TYR B 132 29.51 27.40 37.57
N SER B 133 29.24 26.78 36.43
CA SER B 133 29.94 27.13 35.18
C SER B 133 29.19 28.29 34.53
N ILE B 134 29.89 29.41 34.32
CA ILE B 134 29.28 30.61 33.79
C ILE B 134 29.07 30.40 32.29
N SER B 135 30.07 29.79 31.66
CA SER B 135 30.05 29.50 30.23
C SER B 135 28.88 28.57 29.87
N ASP B 136 28.69 27.52 30.67
CA ASP B 136 27.65 26.52 30.37
C ASP B 136 26.28 26.90 30.94
N GLU B 137 26.23 27.99 31.72
CA GLU B 137 24.99 28.49 32.31
C GLU B 137 24.31 27.42 33.18
N SER B 138 25.12 26.66 33.92
CA SER B 138 24.63 25.53 34.74
C SER B 138 25.32 25.48 36.10
N PHE B 139 24.58 24.99 37.10
CA PHE B 139 25.15 24.70 38.41
C PHE B 139 25.76 23.30 38.38
N LEU B 140 26.70 23.03 39.26
CA LEU B 140 27.43 21.77 39.25
C LEU B 140 27.79 21.33 40.66
N THR B 141 27.77 20.01 40.89
CA THR B 141 28.18 19.44 42.17
C THR B 141 29.68 19.16 42.18
N PRO B 142 30.26 18.86 43.36
CA PRO B 142 31.68 18.51 43.43
C PRO B 142 32.09 17.26 42.63
N GLN B 143 31.10 16.41 42.31
CA GLN B 143 31.32 15.24 41.45
C GLN B 143 31.74 15.65 40.04
N ASN B 144 31.06 16.66 39.51
CA ASN B 144 31.22 17.05 38.11
C ASN B 144 32.34 18.06 37.86
N ILE B 145 33.31 18.13 38.77
CA ILE B 145 34.47 19.00 38.58
C ILE B 145 35.80 18.25 38.78
N THR B 146 36.84 18.76 38.11
CA THR B 146 38.22 18.30 38.34
C THR B 146 39.21 19.42 38.01
N ASP B 147 40.47 19.23 38.38
CA ASP B 147 41.50 20.24 38.17
C ASP B 147 41.84 20.37 36.69
N GLY B 148 41.91 21.60 36.19
CA GLY B 148 42.14 21.85 34.76
C GLY B 148 42.73 23.21 34.43
N VAL B 149 42.97 23.43 33.14
CA VAL B 149 43.62 24.66 32.65
C VAL B 149 42.59 25.78 32.47
N ASP B 150 42.99 26.97 32.89
CA ASP B 150 42.16 28.19 32.78
C ASP B 150 41.56 28.35 31.38
N ASN B 154 46.01 28.69 34.07
CA ASN B 154 46.19 28.71 35.52
C ASN B 154 45.47 27.53 36.19
N PRO B 155 46.16 26.84 37.13
CA PRO B 155 45.54 25.68 37.77
C PRO B 155 44.28 26.03 38.55
N CYS B 156 43.17 25.40 38.19
CA CYS B 156 41.87 25.70 38.80
C CYS B 156 40.84 24.60 38.52
N LYS B 157 39.63 24.78 39.03
CA LYS B 157 38.56 23.80 38.84
C LYS B 157 37.78 24.07 37.55
N VAL B 158 37.31 22.99 36.92
CA VAL B 158 36.82 23.00 35.55
C VAL B 158 35.71 21.95 35.43
N SER B 159 34.75 22.18 34.53
CA SER B 159 33.69 21.21 34.28
C SER B 159 34.21 19.97 33.58
N LEU B 160 34.17 18.84 34.29
CA LEU B 160 34.52 17.52 33.75
C LEU B 160 33.93 17.26 32.36
N GLU B 161 32.70 17.73 32.14
CA GLU B 161 32.00 17.56 30.87
C GLU B 161 32.50 18.50 29.77
N SER B 162 32.18 19.79 29.90
CA SER B 162 32.44 20.76 28.83
C SER B 162 33.88 21.26 28.80
N GLY B 163 34.55 21.22 29.95
CA GLY B 163 35.94 21.67 30.06
C GLY B 163 36.11 23.16 30.35
N HIS B 164 34.99 23.89 30.40
CA HIS B 164 35.02 25.31 30.73
C HIS B 164 35.23 25.50 32.25
N VAL B 165 35.53 26.73 32.63
CA VAL B 165 35.85 27.06 34.03
C VAL B 165 34.58 27.15 34.88
N VAL B 166 34.62 26.52 36.06
CA VAL B 166 33.55 26.62 37.07
C VAL B 166 33.95 27.62 38.13
N THR B 167 32.98 28.13 38.87
CA THR B 167 33.23 29.11 39.93
C THR B 167 32.37 28.83 41.15
N TRP B 168 32.96 29.02 42.34
CA TRP B 168 32.20 28.91 43.58
C TRP B 168 31.33 30.15 43.77
N VAL B 169 30.03 29.94 44.03
CA VAL B 169 29.10 31.05 44.25
C VAL B 169 28.23 30.83 45.48
N SER B 170 27.61 31.91 45.95
CA SER B 170 26.69 31.85 47.08
C SER B 170 25.54 32.85 46.90
N GLU B 171 24.54 32.46 46.11
CA GLU B 171 23.45 33.34 45.71
C GLU B 171 22.10 32.79 46.15
N GLU B 172 21.15 33.69 46.36
CA GLU B 172 19.74 33.32 46.37
C GLU B 172 19.34 32.87 44.98
N ASN B 173 18.53 31.82 44.90
CA ASN B 173 18.10 31.26 43.63
C ASN B 173 16.72 30.63 43.71
N TYR B 174 15.91 30.85 42.68
CA TYR B 174 14.58 30.23 42.61
C TYR B 174 14.66 28.85 41.97
N MET B 175 14.11 27.88 42.67
CA MET B 175 14.04 26.49 42.23
C MET B 175 12.60 26.09 42.03
N PHE B 176 12.35 25.38 40.92
CA PHE B 176 11.07 24.69 40.68
C PHE B 176 11.18 23.22 41.14
N ARG B 177 10.17 22.77 41.88
CA ARG B 177 10.21 21.47 42.57
C ARG B 177 9.81 20.30 41.66
N LEU B 178 10.59 20.11 40.60
CA LEU B 178 10.33 19.11 39.59
C LEU B 178 10.28 17.70 40.14
N SER B 179 11.09 17.41 41.15
CA SER B 179 11.12 16.07 41.77
C SER B 179 9.75 15.62 42.28
N ALA B 180 8.93 16.56 42.70
CA ALA B 180 7.58 16.25 43.18
C ALA B 180 6.56 15.89 42.06
N PHE B 181 6.99 15.91 40.80
CA PHE B 181 6.08 15.66 39.66
C PHE B 181 6.30 14.32 38.97
N ARG B 182 7.26 13.55 39.45
CA ARG B 182 7.58 12.25 38.84
C ARG B 182 6.37 11.35 38.64
N GLU B 183 5.59 11.11 39.70
CA GLU B 183 4.45 10.19 39.61
C GLU B 183 3.37 10.73 38.65
N ARG B 184 3.01 11.99 38.78
CA ARG B 184 2.04 12.57 37.84
C ARG B 184 2.50 12.49 36.37
N LEU B 185 3.80 12.64 36.11
CA LEU B 185 4.31 12.54 34.74
C LEU B 185 4.26 11.12 34.22
N LEU B 186 4.63 10.17 35.07
CA LEU B 186 4.55 8.75 34.71
C LEU B 186 3.11 8.32 34.45
N GLU B 187 2.17 8.80 35.27
CA GLU B 187 0.76 8.48 35.04
C GLU B 187 0.28 9.09 33.72
N TRP B 188 0.77 10.29 33.40
CA TRP B 188 0.41 10.94 32.15
C TRP B 188 0.98 10.21 30.92
N TYR B 189 2.23 9.76 30.98
CA TYR B 189 2.79 9.04 29.84
C TYR B 189 2.02 7.75 29.60
N HIS B 190 1.68 7.04 30.68
CA HIS B 190 1.05 5.74 30.56
C HIS B 190 -0.42 5.82 30.16
N ALA B 191 -1.10 6.89 30.58
CA ALA B 191 -2.48 7.11 30.22
C ALA B 191 -2.62 7.58 28.80
N ASN B 192 -1.55 8.14 28.23
CA ASN B 192 -1.60 8.69 26.88
C ASN B 192 -0.44 8.17 26.07
N PRO B 193 -0.50 6.88 25.67
CA PRO B 193 0.65 6.21 25.08
C PRO B 193 1.08 6.69 23.68
N GLY B 194 0.30 7.57 23.06
CA GLY B 194 0.73 8.18 21.81
C GLY B 194 1.14 9.64 21.95
N CYS B 195 1.26 10.14 23.18
CA CYS B 195 1.52 11.55 23.44
C CYS B 195 2.92 11.99 23.05
N ILE B 196 3.84 11.04 22.89
CA ILE B 196 5.17 11.37 22.38
C ILE B 196 5.44 10.47 21.21
N VAL B 197 5.96 11.04 20.13
CA VAL B 197 6.26 10.32 18.91
C VAL B 197 7.65 10.73 18.43
N PRO B 198 8.43 9.79 17.85
CA PRO B 198 8.19 8.36 17.71
C PRO B 198 8.36 7.57 19.01
N GLU B 199 7.82 6.37 18.99
CA GLU B 199 7.72 5.50 20.16
C GLU B 199 9.03 5.29 20.91
N PHE B 200 10.15 5.14 20.19
CA PHE B 200 11.44 4.88 20.87
C PHE B 200 11.92 6.08 21.70
N ARG B 201 11.45 7.27 21.31
CA ARG B 201 11.70 8.50 22.06
C ARG B 201 10.75 8.66 23.23
N ARG B 202 9.55 8.13 23.09
CA ARG B 202 8.64 8.07 24.22
C ARG B 202 9.22 7.15 25.30
N ARG B 203 9.77 6.03 24.88
CA ARG B 203 10.39 5.07 25.80
C ARG B 203 11.60 5.66 26.56
N GLU B 204 12.42 6.47 25.88
CA GLU B 204 13.56 7.14 26.51
C GLU B 204 13.10 8.12 27.60
N VAL B 205 12.09 8.92 27.29
CA VAL B 205 11.58 9.87 28.25
C VAL B 205 11.08 9.16 29.49
N ILE B 206 10.26 8.13 29.32
CA ILE B 206 9.71 7.38 30.45
C ILE B 206 10.82 6.79 31.33
N ARG B 207 11.85 6.21 30.73
CA ARG B 207 12.95 5.63 31.50
C ARG B 207 13.69 6.68 32.32
N ALA B 208 13.92 7.85 31.74
CA ALA B 208 14.57 8.96 32.43
C ALA B 208 13.79 9.36 33.68
N VAL B 209 12.47 9.49 33.54
CA VAL B 209 11.62 9.93 34.64
C VAL B 209 11.50 8.88 35.74
N GLU B 210 11.50 7.61 35.36
CA GLU B 210 11.52 6.51 36.36
C GLU B 210 12.79 6.56 37.20
N LYS B 211 13.90 6.95 36.59
CA LYS B 211 15.16 7.07 37.32
C LYS B 211 15.17 8.15 38.40
N GLY B 212 14.29 9.13 38.28
CA GLY B 212 14.20 10.20 39.28
C GLY B 212 14.47 11.53 38.61
N LEU B 213 13.91 12.58 39.19
CA LEU B 213 14.05 13.94 38.67
C LEU B 213 14.63 14.86 39.72
N PRO B 214 15.68 15.60 39.40
CA PRO B 214 16.12 16.64 40.31
C PRO B 214 15.21 17.85 40.19
N ASP B 215 15.28 18.76 41.16
CA ASP B 215 14.58 20.04 41.05
C ASP B 215 15.27 20.89 39.99
N LEU B 216 14.62 21.95 39.54
CA LEU B 216 15.09 22.72 38.40
C LEU B 216 15.25 24.18 38.76
N SER B 217 16.43 24.73 38.53
CA SER B 217 16.66 26.16 38.72
C SER B 217 16.04 26.95 37.59
N VAL B 218 15.23 27.95 37.94
CA VAL B 218 14.42 28.70 36.96
C VAL B 218 14.69 30.20 36.96
N SER B 219 15.60 30.66 37.81
CA SER B 219 16.09 32.03 37.77
C SER B 219 17.62 32.10 37.67
N ARG B 220 18.11 33.23 37.17
CA ARG B 220 19.51 33.60 37.31
C ARG B 220 19.60 35.03 37.79
N ALA B 221 20.72 35.35 38.43
CA ALA B 221 21.01 36.72 38.88
C ALA B 221 21.13 37.62 37.66
N ARG B 222 20.67 38.86 37.77
CA ARG B 222 20.57 39.74 36.60
C ARG B 222 21.90 40.05 35.91
N ALA B 223 22.98 40.14 36.68
CA ALA B 223 24.30 40.38 36.09
C ALA B 223 24.68 39.23 35.17
N THR B 224 24.35 38.00 35.59
CA THR B 224 24.65 36.80 34.81
C THR B 224 24.07 36.85 33.37
N LEU B 225 22.85 37.38 33.24
CA LEU B 225 22.17 37.48 31.96
C LEU B 225 22.38 38.84 31.27
N HIS B 226 23.30 39.65 31.80
CA HIS B 226 23.57 40.98 31.29
C HIS B 226 22.30 41.83 31.25
N ASN B 227 21.47 41.66 32.26
CA ASN B 227 20.19 42.35 32.34
C ASN B 227 19.31 42.20 31.09
N TRP B 228 19.44 41.08 30.38
CA TRP B 228 18.67 40.89 29.15
C TRP B 228 17.79 39.65 29.28
N ALA B 229 16.67 39.84 29.95
CA ALA B 229 15.77 38.75 30.30
C ALA B 229 14.49 39.34 30.90
N ILE B 230 13.58 38.52 31.42
CA ILE B 230 12.38 39.02 32.09
C ILE B 230 12.59 38.97 33.60
N PRO B 231 12.21 40.05 34.32
CA PRO B 231 12.34 40.07 35.78
C PRO B 231 11.42 39.11 36.52
N VAL B 232 11.95 38.49 37.56
CA VAL B 232 11.11 37.77 38.50
C VAL B 232 10.13 38.73 39.18
N PRO B 233 8.81 38.44 39.09
CA PRO B 233 7.76 39.17 39.80
C PRO B 233 8.07 39.43 41.25
N GLY B 234 7.99 40.68 41.67
CA GLY B 234 8.34 41.06 43.02
C GLY B 234 9.81 40.94 43.40
N ASN B 235 10.69 40.62 42.44
CA ASN B 235 12.13 40.51 42.76
C ASN B 235 13.05 40.84 41.58
N PRO B 236 13.30 42.13 41.35
CA PRO B 236 14.02 42.58 40.17
C PRO B 236 15.55 42.40 40.20
N ASP B 237 16.10 41.84 41.27
CA ASP B 237 17.50 41.37 41.24
C ASP B 237 17.72 40.08 40.46
N HIS B 238 16.63 39.36 40.18
CA HIS B 238 16.67 38.08 39.49
C HIS B 238 15.80 38.06 38.25
N CAS B 239 16.18 37.23 37.29
CA CAS B 239 15.42 37.09 36.06
CB CAS B 239 16.19 37.48 34.81
C CAS B 239 14.99 35.69 35.83
O CAS B 239 15.54 34.74 36.39
SG CAS B 239 17.38 38.75 35.09
AS CAS B 239 16.31 40.65 34.77
CE1 CAS B 239 15.34 40.59 33.04
CE2 CAS B 239 15.20 41.11 36.37
N VAL B 240 14.01 35.54 34.96
CA VAL B 240 13.50 34.24 34.57
C VAL B 240 14.41 33.66 33.51
N TYR B 241 14.84 32.43 33.73
CA TYR B 241 15.79 31.78 32.84
C TYR B 241 14.98 31.09 31.73
N VAL B 242 15.67 30.35 30.86
CA VAL B 242 15.07 29.90 29.58
C VAL B 242 13.78 29.09 29.74
N TRP B 243 13.68 28.28 30.78
CA TRP B 243 12.63 27.27 30.87
C TRP B 243 11.25 27.92 30.85
N LEU B 244 10.99 28.83 31.78
CA LEU B 244 9.68 29.49 31.87
C LEU B 244 9.53 30.69 30.93
N ASP B 245 10.63 31.09 30.31
CA ASP B 245 10.58 32.11 29.27
C ASP B 245 10.14 31.50 27.94
N ALA B 246 10.95 30.57 27.41
CA ALA B 246 10.71 30.02 26.07
C ALA B 246 9.47 29.14 25.99
N LEU B 247 9.40 28.13 26.85
CA LEU B 247 8.30 27.17 26.77
C LEU B 247 6.96 27.89 26.81
N THR B 248 6.89 28.93 27.64
CA THR B 248 5.66 29.69 27.83
C THR B 248 5.15 30.35 26.55
N ASN B 249 6.01 30.50 25.53
CA ASN B 249 5.56 31.08 24.25
C ASN B 249 4.30 30.42 23.73
N TYR B 250 4.15 29.12 23.98
CA TYR B 250 3.01 28.38 23.46
C TYR B 250 1.71 28.86 24.13
N LEU B 251 1.81 29.13 25.42
CA LEU B 251 0.67 29.65 26.17
C LEU B 251 0.35 31.10 25.75
N THR B 252 1.38 31.93 25.64
CA THR B 252 1.18 33.30 25.18
C THR B 252 0.50 33.24 23.82
N GLY B 253 1.10 32.51 22.89
CA GLY B 253 0.54 32.35 21.56
C GLY B 253 -0.92 31.95 21.55
N SER B 254 -1.31 31.07 22.46
CA SER B 254 -2.68 30.56 22.51
C SER B 254 -3.69 31.60 22.97
N ARG B 255 -3.19 32.69 23.53
CA ARG B 255 -4.04 33.72 24.13
C ARG B 255 -4.05 35.07 23.37
N LEU B 256 -3.38 35.12 22.21
CA LEU B 256 -3.27 36.34 21.42
C LEU B 256 -4.32 36.46 20.32
N ARG B 257 -5.14 37.50 20.36
CA ARG B 257 -5.94 37.89 19.19
C ARG B 257 -5.02 38.52 18.14
N VAL B 258 -5.19 38.12 16.88
CA VAL B 258 -4.27 38.49 15.81
C VAL B 258 -5.05 39.08 14.64
N ASP B 259 -4.58 40.21 14.08
CA ASP B 259 -5.27 40.87 12.95
C ASP B 259 -4.89 40.25 11.61
N GLU B 260 -5.59 40.69 10.56
CA GLU B 260 -5.40 40.18 9.18
C GLU B 260 -3.94 40.20 8.72
N SER B 261 -3.18 41.21 9.15
CA SER B 261 -1.78 41.36 8.73
C SER B 261 -0.78 40.54 9.58
N GLY B 262 -1.28 39.80 10.58
CA GLY B 262 -0.41 38.98 11.44
C GLY B 262 0.07 39.70 12.69
N LYS B 263 -0.35 40.96 12.86
CA LYS B 263 0.03 41.75 14.02
C LYS B 263 -0.85 41.38 15.22
N GLU B 264 -0.23 41.21 16.37
CA GLU B 264 -0.94 40.90 17.60
C GLU B 264 -1.68 42.13 18.12
N VAL B 265 -2.93 41.92 18.51
CA VAL B 265 -3.81 43.02 18.86
C VAL B 265 -4.19 43.04 20.34
N SER B 266 -4.30 41.88 20.96
CA SER B 266 -4.93 41.78 22.27
C SER B 266 -4.52 40.47 22.94
N LEU B 267 -4.46 40.46 24.26
CA LEU B 267 -4.16 39.26 25.03
C LEU B 267 -5.35 38.93 25.92
N VAL B 268 -6.06 37.85 25.60
CA VAL B 268 -7.22 37.45 26.40
C VAL B 268 -6.77 36.90 27.77
N ASP B 269 -7.64 37.05 28.77
CA ASP B 269 -7.35 36.55 30.12
C ASP B 269 -7.46 35.03 30.17
N ASP B 270 -8.48 34.50 29.51
CA ASP B 270 -8.78 33.06 29.57
C ASP B 270 -8.49 32.34 28.23
N PHE B 271 -7.49 31.46 28.27
CA PHE B 271 -7.09 30.69 27.08
C PHE B 271 -8.26 29.99 26.39
N ASN B 272 -9.25 29.53 27.16
CA ASN B 272 -10.43 28.86 26.58
C ASN B 272 -11.18 29.74 25.59
N GLU B 273 -11.03 31.04 25.71
CA GLU B 273 -11.74 31.97 24.83
C GLU B 273 -11.32 31.85 23.35
N LEU B 274 -10.07 31.49 23.08
CA LEU B 274 -9.62 31.31 21.71
C LEU B 274 -9.61 29.85 21.23
N GLU B 275 -9.79 28.91 22.16
CA GLU B 275 -9.94 27.47 21.85
C GLU B 275 -8.69 26.82 21.27
N ARG B 276 -7.52 27.38 21.57
CA ARG B 276 -6.28 26.86 21.02
C ARG B 276 -5.54 26.01 22.03
N PHE B 277 -5.37 26.52 23.24
CA PHE B 277 -4.58 25.80 24.22
C PHE B 277 -5.32 24.57 24.72
N PRO B 278 -4.61 23.45 24.90
CA PRO B 278 -3.19 23.20 24.69
C PRO B 278 -2.92 22.77 23.26
N ALA B 279 -1.63 22.68 22.93
CA ALA B 279 -1.24 22.30 21.57
C ALA B 279 -1.74 20.90 21.25
N ASP B 280 -2.26 20.74 20.04
CA ASP B 280 -2.56 19.43 19.53
C ASP B 280 -1.29 18.73 19.07
N VAL B 281 -0.35 19.50 18.51
CA VAL B 281 0.98 18.99 18.19
C VAL B 281 2.06 20.04 18.46
N HIS B 282 3.05 19.68 19.28
CA HIS B 282 4.31 20.42 19.36
C HIS B 282 5.33 19.72 18.48
N VAL B 283 5.83 20.40 17.46
CA VAL B 283 6.97 19.90 16.68
C VAL B 283 8.31 20.36 17.34
N ILE B 284 9.25 19.43 17.54
CA ILE B 284 10.57 19.77 18.06
C ILE B 284 11.70 18.88 17.53
N GLY B 285 12.93 19.35 17.69
CA GLY B 285 14.10 18.51 17.45
C GLY B 285 14.31 17.61 18.66
N LYS B 286 14.92 16.46 18.43
CA LYS B 286 15.21 15.52 19.50
C LYS B 286 15.99 16.12 20.67
N ASP B 287 16.75 17.16 20.39
CA ASP B 287 17.63 17.80 21.38
C ASP B 287 16.90 18.57 22.50
N ILE B 288 15.64 18.94 22.28
CA ILE B 288 14.85 19.61 23.32
C ILE B 288 13.65 18.78 23.79
N LEU B 289 13.74 17.46 23.62
CA LEU B 289 12.64 16.55 23.99
C LEU B 289 12.39 16.54 25.49
N LYS B 290 13.45 16.45 26.27
CA LYS B 290 13.31 16.43 27.72
C LYS B 290 12.61 17.67 28.23
N PHE B 291 12.85 18.81 27.59
CA PHE B 291 12.27 20.08 28.06
C PHE B 291 10.75 20.11 27.79
N HIS B 292 10.34 19.56 26.64
CA HIS B 292 8.94 19.52 26.26
C HIS B 292 8.14 18.38 26.91
N ALA B 293 8.79 17.25 27.15
CA ALA B 293 8.09 16.07 27.68
C ALA B 293 8.20 15.95 29.21
N ILE B 294 9.14 16.65 29.80
CA ILE B 294 9.31 16.61 31.27
C ILE B 294 9.01 17.97 31.90
N TYR B 295 9.83 18.98 31.59
CA TYR B 295 9.69 20.28 32.23
C TYR B 295 8.34 20.93 31.95
N TRP B 296 8.05 21.09 30.66
CA TRP B 296 6.83 21.78 30.19
C TRP B 296 5.57 21.24 30.87
N PRO B 297 5.30 19.93 30.77
CA PRO B 297 4.09 19.43 31.42
C PRO B 297 4.07 19.56 32.96
N ALA B 298 5.21 19.42 33.62
CA ALA B 298 5.30 19.68 35.05
C ALA B 298 4.85 21.11 35.36
N PHE B 299 5.28 22.07 34.55
CA PHE B 299 4.84 23.45 34.72
C PHE B 299 3.31 23.56 34.58
N LEU B 300 2.75 22.87 33.58
CA LEU B 300 1.31 22.91 33.32
C LEU B 300 0.49 22.19 34.40
N LEU B 301 1.02 21.08 34.91
CA LEU B 301 0.43 20.39 36.05
C LEU B 301 0.37 21.28 37.29
N SER B 302 1.49 21.93 37.60
CA SER B 302 1.56 22.85 38.72
C SER B 302 0.51 23.95 38.59
N ALA B 303 0.36 24.49 37.38
CA ALA B 303 -0.54 25.61 37.16
C ALA B 303 -2.00 25.19 37.00
N GLY B 304 -2.26 23.88 36.97
CA GLY B 304 -3.59 23.36 36.68
C GLY B 304 -4.05 23.64 35.26
N LEU B 305 -3.10 23.69 34.32
CA LEU B 305 -3.40 23.88 32.90
C LEU B 305 -3.45 22.54 32.16
N PRO B 306 -4.25 22.45 31.08
CA PRO B 306 -4.27 21.23 30.28
C PRO B 306 -2.95 20.95 29.57
N LEU B 307 -2.69 19.68 29.31
CA LEU B 307 -1.42 19.25 28.74
C LEU B 307 -1.54 19.00 27.22
N PRO B 308 -0.42 19.18 26.50
CA PRO B 308 -0.44 19.00 25.06
C PRO B 308 -0.84 17.59 24.69
N LYS B 309 -1.36 17.40 23.49
CA LYS B 309 -1.79 16.07 23.09
C LYS B 309 -0.67 15.21 22.56
N LYS B 310 0.22 15.81 21.78
CA LYS B 310 1.37 15.12 21.20
C LYS B 310 2.60 16.00 21.12
N ILE B 311 3.75 15.39 21.36
CA ILE B 311 5.04 16.02 21.09
C ILE B 311 5.71 15.15 20.06
N VAL B 312 6.11 15.73 18.93
CA VAL B 312 6.77 14.98 17.87
C VAL B 312 8.20 15.51 17.70
N ALA B 313 9.17 14.62 17.88
CA ALA B 313 10.58 14.94 17.87
C ALA B 313 11.24 14.32 16.66
N HIS B 314 11.89 15.14 15.85
CA HIS B 314 12.55 14.67 14.63
C HIS B 314 14.06 14.67 14.81
N GLY B 315 14.77 14.23 13.77
CA GLY B 315 16.22 14.15 13.81
C GLY B 315 16.92 15.31 13.15
N TRP B 316 18.22 15.13 12.97
CA TRP B 316 19.11 16.16 12.44
C TRP B 316 19.48 15.78 11.01
N TRP B 317 19.73 16.77 10.16
CA TRP B 317 20.13 16.50 8.78
C TRP B 317 21.64 16.46 8.60
N THR B 318 22.05 15.76 7.54
CA THR B 318 23.42 15.83 7.02
C THR B 318 23.33 16.13 5.52
N LYS B 319 24.47 16.44 4.92
CA LYS B 319 24.56 16.60 3.47
C LYS B 319 25.76 15.81 2.96
N ASP B 320 25.53 14.98 1.93
CA ASP B 320 26.57 14.11 1.38
C ASP B 320 27.24 13.30 2.50
N ARG B 321 26.40 12.77 3.39
CA ARG B 321 26.82 11.94 4.53
C ARG B 321 27.77 12.60 5.53
N LYS B 322 27.89 13.93 5.50
CA LYS B 322 28.78 14.66 6.43
C LYS B 322 27.99 15.71 7.22
N LYS B 323 28.60 16.17 8.31
CA LYS B 323 28.01 17.20 9.15
C LYS B 323 27.89 18.52 8.39
N ILE B 324 26.71 19.12 8.46
CA ILE B 324 26.47 20.41 7.82
C ILE B 324 27.17 21.51 8.61
N SER B 325 28.00 22.29 7.93
CA SER B 325 28.76 23.36 8.56
C SER B 325 29.38 24.26 7.50
N LYS B 326 29.12 25.56 7.61
CA LYS B 326 29.80 26.54 6.77
C LYS B 326 31.31 26.47 7.04
N SER B 327 31.67 26.32 8.32
CA SER B 327 33.06 26.23 8.76
C SER B 327 33.86 25.11 8.10
N LEU B 328 33.23 23.94 7.89
CA LEU B 328 33.91 22.77 7.31
C LEU B 328 33.59 22.58 5.81
N GLY B 329 33.11 23.63 5.15
CA GLY B 329 32.90 23.58 3.71
C GLY B 329 31.69 22.80 3.23
N ASN B 330 30.86 22.31 4.15
CA ASN B 330 29.65 21.60 3.78
C ASN B 330 28.39 22.39 4.17
N VAL B 331 28.14 23.44 3.39
CA VAL B 331 26.92 24.24 3.51
C VAL B 331 25.73 23.49 2.92
N PHE B 332 24.57 23.67 3.53
CA PHE B 332 23.28 23.21 2.95
C PHE B 332 22.22 24.31 3.11
N ASP B 333 22.14 25.16 2.09
CA ASP B 333 21.24 26.33 2.08
C ASP B 333 19.88 25.99 1.44
N PRO B 334 18.81 25.96 2.24
CA PRO B 334 17.54 25.52 1.67
C PRO B 334 16.97 26.44 0.60
N VAL B 335 17.16 27.74 0.74
CA VAL B 335 16.64 28.70 -0.24
C VAL B 335 17.37 28.52 -1.57
N GLU B 336 18.67 28.33 -1.50
CA GLU B 336 19.48 28.11 -2.69
C GLU B 336 18.97 26.89 -3.44
N LYS B 337 18.81 25.78 -2.72
CA LYS B 337 18.39 24.52 -3.33
C LYS B 337 16.98 24.58 -3.87
N ALA B 338 16.12 25.34 -3.22
CA ALA B 338 14.74 25.55 -3.69
C ALA B 338 14.72 26.37 -4.97
N GLU B 339 15.54 27.41 -5.03
CA GLU B 339 15.67 28.21 -6.25
C GLU B 339 16.20 27.37 -7.42
N GLU B 340 16.95 26.31 -7.10
CA GLU B 340 17.50 25.42 -8.11
C GLU B 340 16.56 24.30 -8.57
N PHE B 341 15.87 23.66 -7.62
CA PHE B 341 15.04 22.49 -7.93
C PHE B 341 13.55 22.74 -7.77
N GLY B 342 13.18 23.89 -7.21
CA GLY B 342 11.79 24.17 -6.87
C GLY B 342 11.53 24.06 -5.37
N TYR B 343 10.66 24.94 -4.89
CA TYR B 343 10.24 24.97 -3.50
C TYR B 343 9.39 23.76 -3.08
N ASP B 344 8.27 23.51 -3.76
CA ASP B 344 7.46 22.32 -3.47
C ASP B 344 8.28 21.04 -3.61
N ALA B 345 9.12 20.95 -4.64
CA ALA B 345 9.98 19.78 -4.84
C ALA B 345 10.94 19.55 -3.67
N LEU B 346 11.59 20.60 -3.20
CA LEU B 346 12.48 20.49 -2.04
C LEU B 346 11.72 20.06 -0.77
N LYS B 347 10.56 20.69 -0.53
CA LYS B 347 9.71 20.35 0.62
C LYS B 347 9.33 18.86 0.61
N TYR B 348 8.87 18.38 -0.54
CA TYR B 348 8.64 16.96 -0.75
C TYR B 348 9.86 16.11 -0.39
N PHE B 349 11.03 16.46 -0.91
CA PHE B 349 12.23 15.68 -0.58
C PHE B 349 12.51 15.60 0.92
N LEU B 350 12.46 16.75 1.60
CA LEU B 350 12.76 16.79 3.03
C LEU B 350 11.79 15.90 3.83
N LEU B 351 10.52 15.90 3.43
CA LEU B 351 9.48 15.17 4.14
C LEU B 351 9.41 13.70 3.75
N ARG B 352 9.90 13.37 2.57
CA ARG B 352 9.79 12.00 2.05
C ARG B 352 11.07 11.21 2.28
N GLU B 353 12.22 11.88 2.12
CA GLU B 353 13.51 11.21 2.27
C GLU B 353 13.69 10.53 3.63
N SER B 354 13.23 11.17 4.70
CA SER B 354 13.44 10.62 6.02
C SER B 354 12.19 10.70 6.88
N GLY B 355 12.10 9.80 7.85
CA GLY B 355 11.09 9.88 8.88
C GLY B 355 11.64 10.63 10.08
N PHE B 356 10.83 10.76 11.12
CA PHE B 356 11.22 11.47 12.34
C PHE B 356 12.15 10.62 13.21
N SER B 357 12.13 9.30 12.98
CA SER B 357 13.03 8.38 13.64
C SER B 357 14.48 8.52 13.16
N ASP B 358 14.64 9.03 11.95
CA ASP B 358 15.95 9.05 11.30
C ASP B 358 16.54 10.46 11.24
N ASP B 359 17.87 10.48 11.24
CA ASP B 359 18.63 11.66 10.85
C ASP B 359 18.78 11.60 9.33
N GLY B 360 18.08 12.48 8.63
CA GLY B 360 18.10 12.51 7.16
C GLY B 360 19.41 12.93 6.52
N ASP B 361 19.55 12.60 5.24
CA ASP B 361 20.72 12.94 4.44
C ASP B 361 20.33 13.55 3.09
N TYR B 362 20.69 14.81 2.87
CA TYR B 362 20.51 15.43 1.57
C TYR B 362 21.70 15.12 0.62
N SER B 363 21.37 14.92 -0.64
CA SER B 363 22.35 15.05 -1.74
C SER B 363 21.61 15.50 -2.99
N ASP B 364 22.30 16.18 -3.89
CA ASP B 364 21.71 16.60 -5.15
C ASP B 364 21.28 15.37 -5.97
N LYS B 365 22.05 14.30 -5.85
CA LYS B 365 21.80 13.04 -6.54
C LYS B 365 20.45 12.45 -6.16
N ASN B 366 20.24 12.23 -4.85
CA ASN B 366 18.99 11.66 -4.35
C ASN B 366 17.80 12.59 -4.54
N MET B 367 18.05 13.89 -4.51
CA MET B 367 17.02 14.90 -4.74
C MET B 367 16.49 14.84 -6.19
N ILE B 368 17.42 14.79 -7.13
CA ILE B 368 17.11 14.62 -8.54
C ILE B 368 16.41 13.27 -8.77
N ALA B 369 16.87 12.24 -8.08
CA ALA B 369 16.26 10.91 -8.22
C ALA B 369 14.79 10.89 -7.81
N ARG B 370 14.43 11.64 -6.76
CA ARG B 370 13.03 11.71 -6.32
C ARG B 370 12.23 12.71 -7.17
N LEU B 371 12.87 13.80 -7.56
CA LEU B 371 12.24 14.76 -8.45
C LEU B 371 11.84 14.11 -9.77
N ASN B 372 12.78 13.39 -10.38
CA ASN B 372 12.56 12.75 -11.68
C ASN B 372 11.59 11.58 -11.61
N GLY B 373 11.82 10.69 -10.66
CA GLY B 373 11.10 9.42 -10.59
C GLY B 373 9.70 9.47 -9.99
N GLU B 374 9.47 10.42 -9.10
CA GLU B 374 8.22 10.44 -8.33
C GLU B 374 7.32 11.60 -8.73
N LEU B 375 7.87 12.81 -8.66
CA LEU B 375 7.13 14.02 -8.98
C LEU B 375 6.86 14.18 -10.46
N ALA B 376 7.89 13.97 -11.29
CA ALA B 376 7.71 14.06 -12.75
C ALA B 376 7.11 12.78 -13.33
N ASP B 377 7.82 11.66 -13.15
CA ASP B 377 7.44 10.39 -13.79
C ASP B 377 6.16 9.77 -13.25
N THR B 378 5.93 9.85 -11.95
CA THR B 378 4.72 9.26 -11.38
C THR B 378 3.59 10.28 -11.34
N LEU B 379 3.84 11.45 -10.74
CA LEU B 379 2.76 12.43 -10.58
C LEU B 379 2.51 13.24 -11.85
N GLY B 380 3.53 13.97 -12.28
CA GLY B 380 3.39 14.87 -13.43
C GLY B 380 2.94 14.17 -14.70
N ASN B 381 3.57 13.04 -14.99
CA ASN B 381 3.27 12.28 -16.21
C ASN B 381 1.79 11.90 -16.27
N LEU B 382 1.26 11.50 -15.12
CA LEU B 382 -0.12 11.10 -14.99
C LEU B 382 -1.06 12.29 -15.18
N VAL B 383 -0.66 13.45 -14.65
CA VAL B 383 -1.48 14.65 -14.77
C VAL B 383 -1.59 15.07 -16.23
N MET B 384 -0.49 14.96 -16.97
CA MET B 384 -0.52 15.31 -18.38
C MET B 384 -1.34 14.29 -19.19
N ARG B 385 -1.14 13.01 -18.92
CA ARG B 385 -1.89 11.93 -19.58
C ARG B 385 -3.41 12.15 -19.57
N CYS B 386 -3.97 12.46 -18.40
CA CYS B 386 -5.41 12.56 -18.26
C CYS B 386 -5.97 13.91 -18.72
N THR B 387 -5.09 14.87 -18.97
CA THR B 387 -5.49 16.21 -19.43
C THR B 387 -5.11 16.44 -20.90
N SER B 388 -4.42 15.47 -21.48
CA SER B 388 -3.96 15.55 -22.84
C SER B 388 -5.11 15.68 -23.83
N ALA B 389 -4.94 16.52 -24.83
CA ALA B 389 -5.93 16.71 -25.90
C ALA B 389 -6.12 15.42 -26.72
N LYS B 390 -5.07 14.62 -26.82
CA LYS B 390 -5.13 13.38 -27.56
C LYS B 390 -6.05 12.37 -26.91
N ILE B 391 -5.99 12.26 -25.59
CA ILE B 391 -6.72 11.23 -24.83
C ILE B 391 -8.05 11.76 -24.31
N ASN B 392 -8.02 12.99 -23.79
CA ASN B 392 -9.22 13.67 -23.31
C ASN B 392 -9.68 14.65 -24.39
N VAL B 393 -10.29 14.12 -25.44
CA VAL B 393 -10.58 14.91 -26.63
C VAL B 393 -11.61 16.03 -26.41
N ASN B 394 -12.56 15.83 -25.49
CA ASN B 394 -13.60 16.84 -25.22
C ASN B 394 -13.29 17.86 -24.11
N GLY B 395 -12.11 17.78 -23.52
CA GLY B 395 -11.69 18.71 -22.47
C GLY B 395 -12.63 18.77 -21.28
N GLU B 396 -13.08 17.61 -20.80
CA GLU B 396 -14.06 17.56 -19.72
C GLU B 396 -13.92 16.29 -18.89
N TRP B 397 -14.57 16.27 -17.74
CA TRP B 397 -14.72 15.07 -16.95
C TRP B 397 -15.88 14.28 -17.56
N PRO B 398 -15.62 13.04 -18.02
CA PRO B 398 -16.70 12.31 -18.65
C PRO B 398 -17.60 11.62 -17.65
N SER B 399 -18.79 11.26 -18.11
CA SER B 399 -19.72 10.48 -17.34
C SER B 399 -19.32 9.02 -17.54
N PRO B 400 -19.04 8.29 -16.45
CA PRO B 400 -18.54 6.93 -16.66
C PRO B 400 -19.64 6.00 -17.10
N ALA B 401 -19.26 4.92 -17.79
CA ALA B 401 -20.17 3.84 -18.11
C ALA B 401 -19.96 2.75 -17.07
N ALA B 402 -20.37 1.52 -17.36
CA ALA B 402 -20.28 0.44 -16.38
C ALA B 402 -18.85 0.21 -15.86
N TYR B 403 -18.76 -0.16 -14.59
CA TYR B 403 -17.48 -0.50 -13.97
C TYR B 403 -17.16 -2.00 -14.03
N THR B 404 -15.91 -2.33 -14.38
CA THR B 404 -15.39 -3.69 -14.28
C THR B 404 -14.81 -3.91 -12.89
N GLU B 405 -14.48 -5.15 -12.58
CA GLU B 405 -13.81 -5.46 -11.31
C GLU B 405 -12.48 -4.75 -11.19
N GLU B 406 -11.75 -4.63 -12.29
CA GLU B 406 -10.51 -3.88 -12.31
C GLU B 406 -10.75 -2.39 -12.00
N ASP B 407 -11.79 -1.81 -12.59
CA ASP B 407 -12.19 -0.44 -12.23
C ASP B 407 -12.46 -0.31 -10.73
N GLU B 408 -13.25 -1.25 -10.19
CA GLU B 408 -13.59 -1.25 -8.77
C GLU B 408 -12.36 -1.40 -7.88
N SER B 409 -11.37 -2.17 -8.33
CA SER B 409 -10.19 -2.36 -7.51
C SER B 409 -9.44 -1.05 -7.33
N LEU B 410 -9.46 -0.20 -8.35
CA LEU B 410 -8.78 1.10 -8.28
C LEU B 410 -9.59 2.09 -7.48
N ILE B 411 -10.90 2.08 -7.72
CA ILE B 411 -11.83 2.91 -6.95
C ILE B 411 -11.72 2.66 -5.44
N GLN B 412 -11.54 1.41 -5.05
CA GLN B 412 -11.43 1.07 -3.64
C GLN B 412 -10.20 1.73 -3.02
N LEU B 413 -9.09 1.70 -3.76
CA LEU B 413 -7.86 2.30 -3.30
C LEU B 413 -8.07 3.79 -3.11
N ILE B 414 -8.81 4.42 -4.04
CA ILE B 414 -9.01 5.86 -3.99
C ILE B 414 -9.94 6.23 -2.83
N LYS B 415 -11.03 5.48 -2.68
CA LYS B 415 -11.91 5.62 -1.51
C LYS B 415 -11.21 5.43 -0.16
N ASP B 416 -10.29 4.47 -0.10
CA ASP B 416 -9.63 4.12 1.16
C ASP B 416 -8.55 5.11 1.52
N LEU B 417 -8.01 5.80 0.52
CA LEU B 417 -6.82 6.60 0.73
C LEU B 417 -6.97 7.68 1.80
N PRO B 418 -8.05 8.48 1.76
CA PRO B 418 -8.18 9.55 2.74
C PRO B 418 -8.13 9.11 4.20
N GLY B 419 -8.79 7.99 4.53
CA GLY B 419 -8.77 7.48 5.90
C GLY B 419 -7.38 7.01 6.30
N THR B 420 -6.67 6.39 5.36
CA THR B 420 -5.28 6.00 5.59
C THR B 420 -4.42 7.23 5.82
N ALA B 421 -4.51 8.16 4.87
CA ALA B 421 -3.71 9.36 4.92
C ALA B 421 -4.01 10.16 6.18
N ASP B 422 -5.29 10.28 6.52
CA ASP B 422 -5.70 11.00 7.73
C ASP B 422 -5.04 10.44 9.01
N HIS B 423 -5.06 9.13 9.20
CA HIS B 423 -4.37 8.52 10.34
C HIS B 423 -2.89 8.84 10.36
N TYR B 424 -2.23 8.73 9.21
CA TYR B 424 -0.82 9.03 9.16
C TYR B 424 -0.53 10.49 9.52
N TYR B 425 -1.34 11.40 9.00
CA TYR B 425 -1.17 12.83 9.26
C TYR B 425 -1.37 13.11 10.74
N LEU B 426 -2.27 12.36 11.37
CA LEU B 426 -2.57 12.57 12.79
C LEU B 426 -1.57 12.00 13.78
N ILE B 427 -0.72 11.07 13.35
CA ILE B 427 0.21 10.40 14.26
C ILE B 427 1.11 11.41 14.99
N PRO B 428 1.77 12.31 14.25
CA PRO B 428 1.91 12.47 12.80
C PRO B 428 3.11 11.68 12.24
N ASP B 429 2.98 11.22 11.02
CA ASP B 429 4.08 10.55 10.30
C ASP B 429 3.82 10.92 8.84
N ILE B 430 4.43 12.02 8.44
CA ILE B 430 4.11 12.65 7.18
C ILE B 430 4.73 11.86 6.04
N GLN B 431 5.88 11.22 6.32
CA GLN B 431 6.52 10.37 5.34
C GLN B 431 5.58 9.23 4.89
N LYS B 432 4.86 8.63 5.83
CA LYS B 432 3.96 7.53 5.50
C LYS B 432 2.71 8.02 4.78
N ALA B 433 2.25 9.21 5.13
CA ALA B 433 1.15 9.82 4.43
C ALA B 433 1.50 9.96 2.95
N ILE B 434 2.69 10.49 2.68
CA ILE B 434 3.14 10.69 1.30
C ILE B 434 3.21 9.37 0.55
N ILE B 435 3.82 8.36 1.17
CA ILE B 435 3.99 7.05 0.56
C ILE B 435 2.64 6.42 0.25
N ALA B 436 1.68 6.57 1.16
CA ALA B 436 0.34 6.06 0.94
C ALA B 436 -0.27 6.70 -0.30
N VAL B 437 -0.18 8.02 -0.41
CA VAL B 437 -0.72 8.69 -1.59
C VAL B 437 -0.03 8.17 -2.85
N PHE B 438 1.29 8.07 -2.81
CA PHE B 438 2.02 7.62 -3.98
C PHE B 438 1.78 6.14 -4.33
N ASP B 439 1.42 5.31 -3.35
CA ASP B 439 1.03 3.94 -3.68
C ASP B 439 -0.19 4.00 -4.61
N VAL B 440 -1.12 4.89 -4.29
CA VAL B 440 -2.32 5.03 -5.11
C VAL B 440 -1.95 5.62 -6.46
N LEU B 441 -1.04 6.60 -6.47
CA LEU B 441 -0.59 7.19 -7.73
C LEU B 441 0.01 6.14 -8.66
N ARG B 442 0.87 5.28 -8.12
CA ARG B 442 1.42 4.17 -8.89
C ARG B 442 0.31 3.26 -9.44
N ALA B 443 -0.69 2.97 -8.62
CA ALA B 443 -1.80 2.11 -9.00
C ALA B 443 -2.58 2.71 -10.15
N ILE B 444 -2.82 4.01 -10.11
CA ILE B 444 -3.50 4.71 -11.21
C ILE B 444 -2.66 4.62 -12.48
N ASN B 445 -1.37 4.85 -12.39
CA ASN B 445 -0.49 4.70 -13.54
C ASN B 445 -0.54 3.30 -14.16
N ALA B 446 -0.54 2.28 -13.31
CA ALA B 446 -0.66 0.90 -13.78
C ALA B 446 -1.99 0.69 -14.51
N TYR B 447 -3.06 1.21 -13.92
CA TYR B 447 -4.39 1.11 -14.51
C TYR B 447 -4.42 1.75 -15.91
N VAL B 448 -3.89 2.97 -16.02
CA VAL B 448 -3.82 3.67 -17.29
C VAL B 448 -3.03 2.87 -18.32
N THR B 449 -1.91 2.31 -17.89
CA THR B 449 -1.06 1.51 -18.77
C THR B 449 -1.77 0.25 -19.23
N ASP B 450 -2.55 -0.37 -18.36
CA ASP B 450 -3.31 -1.56 -18.73
C ASP B 450 -4.48 -1.23 -19.65
N MET B 451 -5.13 -0.09 -19.40
CA MET B 451 -6.32 0.28 -20.18
C MET B 451 -5.98 0.98 -21.48
N ALA B 452 -4.71 1.42 -21.61
CA ALA B 452 -4.23 2.09 -22.82
C ALA B 452 -5.24 3.07 -23.46
N PRO B 453 -5.65 4.12 -22.72
CA PRO B 453 -6.74 4.98 -23.20
C PRO B 453 -6.46 5.66 -24.56
N TRP B 454 -5.18 5.86 -24.88
CA TRP B 454 -4.80 6.40 -26.19
C TRP B 454 -5.37 5.60 -27.36
N LYS B 455 -5.48 4.28 -27.23
CA LYS B 455 -6.14 3.44 -28.24
C LYS B 455 -7.68 3.52 -28.16
N LEU B 456 -8.21 3.58 -26.95
CA LEU B 456 -9.66 3.57 -26.75
C LEU B 456 -10.40 4.75 -27.39
N VAL B 457 -9.71 5.85 -27.66
CA VAL B 457 -10.34 7.02 -28.30
C VAL B 457 -10.97 6.66 -29.63
N LYS B 458 -10.37 5.68 -30.32
CA LYS B 458 -10.85 5.19 -31.60
C LYS B 458 -11.57 3.85 -31.46
N THR B 459 -11.00 2.95 -30.67
CA THR B 459 -11.54 1.59 -30.52
C THR B 459 -12.88 1.56 -29.78
N ASP B 460 -12.98 2.26 -28.66
CA ASP B 460 -14.11 2.12 -27.75
C ASP B 460 -14.29 3.38 -26.91
N PRO B 461 -14.95 4.40 -27.47
CA PRO B 461 -15.08 5.68 -26.77
C PRO B 461 -15.81 5.55 -25.44
N GLU B 462 -16.85 4.72 -25.43
CA GLU B 462 -17.64 4.49 -24.23
C GLU B 462 -16.75 4.03 -23.06
N ARG B 463 -15.87 3.08 -23.32
CA ARG B 463 -14.98 2.56 -22.29
C ARG B 463 -13.99 3.63 -21.80
N LEU B 464 -13.53 4.47 -22.72
CA LEU B 464 -12.64 5.56 -22.38
C LEU B 464 -13.28 6.50 -21.37
N ARG B 465 -14.58 6.75 -21.51
CA ARG B 465 -15.30 7.59 -20.57
C ARG B 465 -15.11 7.12 -19.14
N THR B 466 -15.27 5.81 -18.94
CA THR B 466 -15.14 5.20 -17.64
C THR B 466 -13.70 5.33 -17.14
N VAL B 467 -12.75 5.00 -17.99
CA VAL B 467 -11.34 4.96 -17.59
C VAL B 467 -10.84 6.35 -17.22
N LEU B 468 -11.18 7.31 -18.05
CA LEU B 468 -10.75 8.68 -17.89
C LEU B 468 -11.33 9.27 -16.63
N TYR B 469 -12.60 9.01 -16.38
CA TYR B 469 -13.25 9.55 -15.19
C TYR B 469 -12.60 9.08 -13.90
N ILE B 470 -12.29 7.79 -13.84
CA ILE B 470 -11.66 7.19 -12.68
C ILE B 470 -10.27 7.80 -12.50
N THR B 471 -9.52 7.89 -13.58
CA THR B 471 -8.17 8.46 -13.55
C THR B 471 -8.21 9.87 -12.97
N LEU B 472 -9.07 10.71 -13.55
CA LEU B 472 -9.21 12.10 -13.13
C LEU B 472 -9.56 12.18 -11.66
N GLU B 473 -10.53 11.40 -11.24
CA GLU B 473 -10.94 11.46 -9.85
C GLU B 473 -9.81 10.98 -8.93
N GLY B 474 -9.03 10.00 -9.37
CA GLY B 474 -7.87 9.53 -8.61
C GLY B 474 -6.82 10.61 -8.44
N VAL B 475 -6.50 11.29 -9.54
CA VAL B 475 -5.59 12.42 -9.48
C VAL B 475 -6.08 13.51 -8.52
N ARG B 476 -7.39 13.81 -8.55
CA ARG B 476 -7.93 14.86 -7.69
C ARG B 476 -7.76 14.53 -6.22
N VAL B 477 -8.12 13.32 -5.83
CA VAL B 477 -8.09 12.91 -4.44
C VAL B 477 -6.66 12.85 -3.90
N THR B 478 -5.74 12.29 -4.69
CA THR B 478 -4.33 12.24 -4.30
C THR B 478 -3.72 13.63 -4.23
N THR B 479 -4.11 14.49 -5.19
CA THR B 479 -3.60 15.86 -5.23
C THR B 479 -4.08 16.59 -4.00
N LEU B 480 -5.35 16.39 -3.66
CA LEU B 480 -5.95 17.00 -2.49
C LEU B 480 -5.18 16.59 -1.22
N LEU B 481 -4.97 15.30 -1.02
CA LEU B 481 -4.20 14.82 0.14
C LEU B 481 -2.72 15.17 0.09
N LEU B 482 -2.18 15.47 -1.08
CA LEU B 482 -0.80 15.97 -1.19
C LEU B 482 -0.69 17.49 -1.10
N SER B 483 -1.83 18.20 -1.08
CA SER B 483 -1.79 19.67 -1.16
C SER B 483 -1.08 20.34 0.02
N PRO B 484 -1.04 19.68 1.19
CA PRO B 484 -0.18 20.21 2.25
C PRO B 484 1.31 20.08 1.97
N ILE B 485 1.68 19.12 1.13
CA ILE B 485 3.09 18.85 0.81
C ILE B 485 3.54 19.70 -0.36
N LEU B 486 2.65 19.89 -1.33
CA LEU B 486 2.95 20.62 -2.54
C LEU B 486 1.87 21.70 -2.70
N PRO B 487 1.90 22.71 -1.83
CA PRO B 487 0.81 23.68 -1.83
C PRO B 487 0.66 24.50 -3.12
N ARG B 488 1.77 24.80 -3.80
CA ARG B 488 1.71 25.54 -5.06
C ARG B 488 1.36 24.67 -6.27
N LYS B 489 2.06 23.55 -6.40
CA LYS B 489 1.82 22.62 -7.51
C LYS B 489 0.40 22.02 -7.49
N SER B 490 -0.15 21.80 -6.31
CA SER B 490 -1.51 21.27 -6.22
C SER B 490 -2.51 22.22 -6.86
N VAL B 491 -2.27 23.52 -6.71
CA VAL B 491 -3.14 24.52 -7.31
C VAL B 491 -3.06 24.40 -8.84
N VAL B 492 -1.84 24.26 -9.36
CA VAL B 492 -1.66 24.11 -10.81
C VAL B 492 -2.41 22.87 -11.31
N ILE B 493 -2.30 21.77 -10.58
CA ILE B 493 -2.96 20.52 -10.96
C ILE B 493 -4.47 20.72 -10.96
N PHE B 494 -5.00 21.27 -9.87
CA PHE B 494 -6.42 21.55 -9.82
C PHE B 494 -6.88 22.46 -10.95
N ASP B 495 -6.08 23.47 -11.27
CA ASP B 495 -6.38 24.34 -12.41
C ASP B 495 -6.43 23.54 -13.71
N MET B 496 -5.43 22.70 -13.94
CA MET B 496 -5.41 21.88 -15.16
C MET B 496 -6.67 21.01 -15.24
N LEU B 497 -7.01 20.35 -14.14
CA LEU B 497 -8.18 19.46 -14.06
C LEU B 497 -9.52 20.18 -14.12
N GLY B 498 -9.49 21.51 -13.93
CA GLY B 498 -10.71 22.31 -13.90
C GLY B 498 -11.53 22.11 -12.64
N VAL B 499 -10.87 21.80 -11.52
CA VAL B 499 -11.59 21.52 -10.27
C VAL B 499 -12.02 22.83 -9.65
N PRO B 500 -13.33 22.99 -9.40
CA PRO B 500 -13.80 24.22 -8.77
C PRO B 500 -13.14 24.45 -7.42
N GLU B 501 -12.95 25.72 -7.06
CA GLU B 501 -12.33 26.10 -5.78
C GLU B 501 -13.01 25.43 -4.59
N VAL B 502 -14.33 25.29 -4.66
CA VAL B 502 -15.11 24.71 -3.57
C VAL B 502 -14.76 23.24 -3.31
N HIS B 503 -14.28 22.53 -4.32
CA HIS B 503 -13.93 21.13 -4.17
C HIS B 503 -12.42 20.89 -3.91
N ARG B 504 -11.70 21.94 -3.52
CA ARG B 504 -10.24 21.85 -3.33
C ARG B 504 -9.87 21.75 -1.85
N LYS B 505 -10.83 22.04 -0.97
CA LYS B 505 -10.65 21.80 0.44
C LYS B 505 -11.94 21.23 1.01
N GLY B 506 -11.89 20.77 2.27
CA GLY B 506 -13.05 20.30 3.00
C GLY B 506 -13.08 18.79 3.09
N ILE B 507 -13.24 18.28 4.29
CA ILE B 507 -13.34 16.83 4.50
C ILE B 507 -14.39 16.16 3.60
N GLU B 508 -15.52 16.83 3.36
CA GLU B 508 -16.55 16.28 2.47
C GLU B 508 -16.04 16.00 1.06
N ASN B 509 -15.03 16.73 0.60
CA ASN B 509 -14.44 16.53 -0.72
C ASN B 509 -13.37 15.45 -0.82
N PHE B 510 -13.07 14.80 0.30
CA PHE B 510 -12.21 13.63 0.33
C PHE B 510 -12.88 12.46 -0.38
N GLU B 511 -14.21 12.53 -0.47
CA GLU B 511 -15.03 11.47 -1.00
C GLU B 511 -14.91 11.34 -2.51
N PHE B 512 -14.99 10.09 -2.97
CA PHE B 512 -14.91 9.74 -4.37
C PHE B 512 -16.15 10.30 -5.07
N GLY B 513 -15.92 10.92 -6.21
CA GLY B 513 -16.99 11.45 -7.04
C GLY B 513 -17.52 12.82 -6.66
N ALA B 514 -16.67 13.64 -6.04
CA ALA B 514 -17.09 14.98 -5.59
C ALA B 514 -17.25 15.97 -6.74
N VAL B 515 -16.57 15.72 -7.86
CA VAL B 515 -16.64 16.59 -9.02
C VAL B 515 -17.48 15.91 -10.08
N PRO B 516 -18.56 16.58 -10.52
CA PRO B 516 -19.49 15.92 -11.43
C PRO B 516 -18.99 15.84 -12.86
N PRO B 517 -19.36 14.76 -13.58
CA PRO B 517 -19.16 14.72 -15.02
C PRO B 517 -19.71 15.99 -15.65
N GLY B 518 -19.06 16.46 -16.70
CA GLY B 518 -19.50 17.68 -17.40
C GLY B 518 -18.62 18.87 -17.08
N THR B 519 -17.97 18.83 -15.92
CA THR B 519 -16.95 19.82 -15.56
C THR B 519 -15.89 19.98 -16.65
N ARG B 520 -15.60 21.21 -17.04
CA ARG B 520 -14.61 21.48 -18.07
C ARG B 520 -13.21 21.54 -17.47
N LEU B 521 -12.23 20.98 -18.16
CA LEU B 521 -10.84 21.15 -17.78
C LEU B 521 -10.43 22.61 -17.96
N GLY B 522 -9.27 22.97 -17.39
CA GLY B 522 -8.72 24.31 -17.57
C GLY B 522 -8.03 24.48 -18.90
N PRO B 523 -7.79 25.73 -19.32
CA PRO B 523 -7.00 25.93 -20.53
C PRO B 523 -5.63 25.29 -20.43
N ALA B 524 -5.15 24.72 -21.55
CA ALA B 524 -3.80 24.18 -21.60
C ALA B 524 -2.85 25.28 -22.07
N VAL B 525 -1.66 25.33 -21.49
CA VAL B 525 -0.61 26.25 -21.92
C VAL B 525 0.32 25.54 -22.92
N GLU B 526 0.82 26.28 -23.90
CA GLU B 526 1.58 25.71 -25.02
C GLU B 526 2.60 24.63 -24.61
N GLY B 527 3.66 25.02 -23.92
CA GLY B 527 4.73 24.09 -23.55
C GLY B 527 4.97 23.97 -22.05
N GLU B 528 3.88 23.89 -21.28
CA GLU B 528 3.98 23.86 -19.82
C GLU B 528 4.44 22.50 -19.26
N VAL B 529 5.15 22.56 -18.14
CA VAL B 529 5.57 21.37 -17.40
C VAL B 529 5.29 21.55 -15.92
N LEU B 530 4.86 20.48 -15.27
CA LEU B 530 4.57 20.49 -13.84
C LEU B 530 5.89 20.43 -13.08
N PHE B 531 6.69 19.42 -13.39
CA PHE B 531 8.04 19.24 -12.84
C PHE B 531 8.99 18.91 -13.98
N SER B 532 10.01 19.75 -14.18
CA SER B 532 11.02 19.53 -15.21
C SER B 532 12.03 18.51 -14.72
N LYS B 533 12.28 17.49 -15.52
CA LYS B 533 13.28 16.49 -15.16
C LYS B 533 14.69 17.09 -15.29
N ARG B 534 15.67 16.49 -14.61
CA ARG B 534 17.02 17.05 -14.59
C ARG B 534 18.14 16.03 -14.81
N SER B 535 19.28 16.55 -15.27
CA SER B 535 20.42 15.74 -15.74
C SER B 535 20.93 14.68 -14.77
N THR B 536 21.58 13.67 -15.33
CA THR B 536 22.00 12.47 -14.60
C THR B 536 23.42 12.03 -14.99
C1 GOL C . 10.20 -8.40 -6.30
O1 GOL C . 10.12 -8.82 -4.94
C2 GOL C . 8.77 -8.11 -6.73
O2 GOL C . 8.35 -6.89 -6.12
C3 GOL C . 8.65 -7.99 -8.24
O3 GOL C . 7.27 -8.17 -8.59
C1 GOL D . -26.51 -33.65 -41.80
O1 GOL D . -27.69 -33.32 -41.07
C2 GOL D . -25.56 -34.46 -40.92
O2 GOL D . -26.08 -35.78 -40.74
C3 GOL D . -25.39 -33.79 -39.55
O3 GOL D . -25.01 -32.43 -39.74
C1 GOL E . -15.18 -43.88 -29.43
O1 GOL E . -15.90 -42.63 -29.48
C2 GOL E . -13.68 -43.65 -29.61
O2 GOL E . -13.46 -42.71 -30.68
C3 GOL E . -13.03 -43.15 -28.31
O3 GOL E . -13.91 -42.32 -27.55
C1 GOL F . 4.63 -26.49 2.87
O1 GOL F . 5.27 -25.55 1.97
C2 GOL F . 4.58 -27.94 2.39
O2 GOL F . 5.26 -28.82 3.29
C3 GOL F . 3.15 -28.46 2.28
O3 GOL F . 2.68 -28.69 3.61
S DMS G . -6.39 -13.91 -31.15
O DMS G . -6.01 -14.79 -32.28
C1 DMS G . -7.36 -14.76 -30.03
C2 DMS G . -5.03 -13.57 -30.16
S DMS H . -4.09 -17.91 -29.88
O DMS H . -5.38 -18.17 -29.20
C1 DMS H . -3.52 -19.31 -30.64
C2 DMS H . -4.40 -17.04 -31.31
S DMS I . -9.04 -19.17 -37.99
O DMS I . -10.53 -19.16 -37.96
C1 DMS I . -8.56 -20.67 -37.37
C2 DMS I . -8.39 -19.32 -39.57
S SO4 J . -8.89 -23.56 2.07
O1 SO4 J . -8.93 -24.11 0.69
O2 SO4 J . -9.99 -24.16 2.87
O3 SO4 J . -7.60 -23.86 2.76
O4 SO4 J . -9.09 -22.10 1.96
N MET K . -6.46 -29.76 -25.03
CA MET K . -6.25 -28.31 -25.26
C MET K . -4.81 -27.95 -24.96
O MET K . -4.04 -28.71 -24.35
CB MET K . -7.16 -27.45 -24.35
CG MET K . -8.66 -27.69 -24.48
SD MET K . -9.66 -26.59 -23.43
CE MET K . -11.31 -26.86 -24.07
OXT MET K . -4.40 -26.85 -25.32
C1 GOL L . -2.87 30.78 34.71
O1 GOL L . -2.22 31.33 35.86
C2 GOL L . -2.42 31.52 33.45
O2 GOL L . -1.01 31.76 33.53
C3 GOL L . -2.71 30.65 32.22
O3 GOL L . -3.23 31.46 31.14
C1 GOL M . 14.94 42.98 29.20
O1 GOL M . 14.72 43.07 30.61
C2 GOL M . 13.60 43.04 28.49
O2 GOL M . 13.12 44.38 28.50
C3 GOL M . 13.76 42.60 27.04
O3 GOL M . 12.48 42.46 26.44
C1 GOL N . 13.52 4.53 -0.85
O1 GOL N . 12.79 4.96 -2.00
C2 GOL N . 12.60 4.71 0.33
O2 GOL N . 11.45 3.89 0.15
C3 GOL N . 13.30 4.29 1.62
O3 GOL N . 12.81 5.11 2.68
C1 GOL O . 6.72 25.14 -6.71
O1 GOL O . 6.69 26.06 -5.62
C2 GOL O . 8.16 24.73 -6.99
O2 GOL O . 8.31 23.34 -7.39
C3 GOL O . 8.76 25.71 -8.00
O3 GOL O . 9.27 26.82 -7.26
C1 GOL P . 20.57 23.74 40.00
O1 GOL P . 19.79 22.56 39.72
C2 GOL P . 20.56 24.05 41.50
O2 GOL P . 20.92 25.41 41.78
C3 GOL P . 21.55 23.14 42.19
O3 GOL P . 21.09 22.91 43.53
S DMS Q . 4.07 33.63 7.04
O DMS Q . 4.71 34.47 6.01
C1 DMS Q . 2.55 33.09 6.48
C2 DMS Q . 5.01 32.20 7.24
S DMS R . 20.15 25.20 27.36
O DMS R . 19.87 24.73 28.74
C1 DMS R . 18.76 25.06 26.37
C2 DMS R . 20.37 26.89 27.38
S SO4 S . 17.83 27.10 17.90
O1 SO4 S . 18.19 25.85 17.18
O2 SO4 S . 18.00 26.89 19.37
O3 SO4 S . 16.43 27.43 17.60
O4 SO4 S . 18.71 28.19 17.40
S SO4 T . -3.02 24.45 0.69
O1 SO4 T . -3.66 23.14 0.94
O2 SO4 T . -2.26 24.37 -0.60
O3 SO4 T . -2.15 24.71 1.86
O4 SO4 T . -4.04 25.51 0.53
I 2EB U . 10.42 26.20 22.68
C14 2EB U . 12.34 25.92 23.53
C 2EB U . 13.50 25.83 22.73
O 2EB U . 13.41 26.01 21.39
C13 2EB U . 12.45 25.77 24.92
C12 2EB U . 13.69 25.51 25.47
CL 2EB U . 13.82 25.26 27.18
C11 2EB U . 14.83 25.40 24.70
C1 2EB U . 14.76 25.56 23.33
C2 2EB U . 16.00 25.43 22.47
N 2EB U . 16.73 26.67 22.21
C3 2EB U . 17.67 27.03 23.28
C4 2EB U . 18.35 28.39 23.04
C5 2EB U . 18.89 29.08 24.28
N1 2EB U . 18.01 30.13 24.77
C6 2EB U . 18.20 30.75 25.94
O1 2EB U . 19.23 30.60 26.60
N2 2EB U . 17.17 31.57 26.36
C7 2EB U . 17.12 32.32 27.57
C10 2EB U . 15.93 33.05 27.87
C9 2EB U . 15.99 33.71 29.04
S 2EB U . 17.48 33.47 29.81
C8 2EB U . 18.06 32.47 28.56
#